data_6P0E
#
_entry.id   6P0E
#
_cell.length_a   71.676
_cell.length_b   100.939
_cell.length_c   115.360
_cell.angle_alpha   90.000
_cell.angle_beta   90.000
_cell.angle_gamma   90.000
#
_symmetry.space_group_name_H-M   'P 21 21 21'
#
loop_
_entity.id
_entity.type
_entity.pdbx_description
1 polymer 'DNA ligase 1'
2 polymer "DNA (5'-D(*GP*CP*TP*GP*AP*TP*GP*CP*GP*TP*(8OG))-3')"
3 polymer "DNA (5'-D(P*GP*TP*CP*GP*GP*AP*C)-3')"
4 polymer "DNA (5'-D(*GP*TP*CP*CP*GP*AP*CP*AP*AP*CP*GP*CP*AP*TP*CP*AP*GP*C)-3')"
5 non-polymer DI(HYDROXYETHYL)ETHER
6 non-polymer 2-AMINO-2-HYDROXYMETHYL-PROPANE-1,3-DIOL
7 non-polymer 'ADENOSINE MONOPHOSPHATE'
8 water water
#
loop_
_entity_poly.entity_id
_entity_poly.type
_entity_poly.pdbx_seq_one_letter_code
_entity_poly.pdbx_strand_id
1 'polypeptide(L)'
;SNDPSGYNPAKNNYHPVEDACWKPGQKVPYLAVARTFEKIEEVSARLRMVETLSNLLRSVVALSPPDLLPVLYLSLNHLG
PPQQGLALGVGDGVLLKAVAQATGRQLESVRAEAAEKGDVGLVAENSRSTQRLMLPPPPLTASGVFSKFRDIARLTGSAS
TAKKIDIIKGLFVACRHSEARFIARSLSGRLRLGLAEQSVLAALSQAVSLTPPGQEFPPAMVDAGKGKTAEARKTWLEEQ
GMILKQTFCEVPDLDRIIPVLLEHGLERLPEHCKLSPGIPLKPMLAHPTRGISEVLKRFEEAAFTCEYKYDGQRAQIHAL
EGGEVKIFSRNQADNTGKYPDIISRIPKIKLPSVTSFILDTEAVAWDREKKQIQPFQVLTTRKRKEVDASEIQVQVCLYA
FDLIYLNGESLVREPLSRRRQLLRENFVETEGEFVFATSLDTKDIEQIAEFLEQSVKDSCEGLMVKTLDVDATYEIAKRS
HNWLKLKKDYLDGVGDTLDLVVIGAYLGRGKRAGRYGGFLLASYDEDSEELQAICKLGTGFSDEELEEHHQSLKALVLPS
PRPYVRIDGAVIPDHWLDPSAVWEVKCADLSLSPIYPAARGLVDSDKGISLRFPRFIRVREDKQPEQATTSAQVACLYRK
QSQIQ
;
A
2 'polydeoxyribonucleotide' (DG)(DC)(DT)(DG)(DA)(DT)(DG)(DC)(DG)(DT)(8OG) B
3 'polydeoxyribonucleotide' (DG)(DT)(DC)(DG)(DG)(DA)(DC) C
4 'polydeoxyribonucleotide' (DG)(DT)(DC)(DC)(DG)(DA)(DC)(DA)(DA)(DC)(DG)(DC)(DA)(DT)(DC)(DA)(DG)(DC) D
#
# COMPACT_ATOMS: atom_id res chain seq x y z
N SER A 1 -16.71 33.11 1.23
CA SER A 1 -17.22 34.12 2.15
C SER A 1 -16.08 34.97 2.73
N ASN A 2 -15.19 34.36 3.51
CA ASN A 2 -14.12 35.10 4.16
C ASN A 2 -12.89 34.22 4.34
N ASP A 3 -11.84 34.80 4.95
CA ASP A 3 -10.47 34.29 5.05
C ASP A 3 -10.41 32.78 5.23
N PRO A 4 -9.75 32.04 4.35
CA PRO A 4 -9.66 30.59 4.52
C PRO A 4 -8.96 30.18 5.81
N SER A 5 -8.22 31.09 6.46
CA SER A 5 -7.56 30.73 7.71
CA SER A 5 -7.56 30.72 7.71
C SER A 5 -8.57 30.35 8.78
N GLY A 6 -9.78 30.88 8.70
CA GLY A 6 -10.84 30.55 9.63
C GLY A 6 -11.77 29.44 9.18
N TYR A 7 -11.49 28.84 8.03
CA TYR A 7 -12.39 27.83 7.47
C TYR A 7 -12.55 26.66 8.43
N ASN A 8 -13.80 26.25 8.67
CA ASN A 8 -14.09 25.17 9.62
C ASN A 8 -14.99 24.13 8.99
N PRO A 9 -14.42 23.17 8.27
CA PRO A 9 -15.24 22.10 7.67
C PRO A 9 -15.70 21.04 8.66
N ALA A 10 -15.34 21.15 9.93
CA ALA A 10 -15.85 20.29 10.98
C ALA A 10 -17.04 20.92 11.71
N LYS A 11 -17.47 22.08 11.24
CA LYS A 11 -18.55 22.84 11.86
C LYS A 11 -19.85 22.04 11.88
N ASN A 12 -20.59 22.13 12.99
CA ASN A 12 -21.92 21.57 13.00
C ASN A 12 -22.84 22.36 12.05
N ASN A 13 -23.78 21.64 11.43
CA ASN A 13 -24.73 22.24 10.48
C ASN A 13 -23.98 22.94 9.35
N TYR A 14 -22.88 22.34 8.93
CA TYR A 14 -22.06 22.95 7.88
C TYR A 14 -22.89 23.20 6.64
N HIS A 15 -22.85 24.44 6.16
CA HIS A 15 -23.63 24.81 4.99
C HIS A 15 -22.69 24.95 3.80
N PRO A 16 -22.83 24.14 2.75
CA PRO A 16 -21.82 24.15 1.66
C PRO A 16 -21.58 25.50 1.01
N VAL A 17 -22.55 26.41 0.99
CA VAL A 17 -22.32 27.76 0.44
C VAL A 17 -21.88 28.74 1.51
N GLU A 18 -22.65 28.86 2.59
CA GLU A 18 -22.41 29.93 3.57
C GLU A 18 -21.15 29.68 4.38
N ASP A 19 -20.76 28.42 4.56
CA ASP A 19 -19.61 28.08 5.38
C ASP A 19 -18.34 27.81 4.59
N ALA A 20 -18.37 27.96 3.27
CA ALA A 20 -17.17 27.89 2.46
C ALA A 20 -16.32 29.14 2.67
N CYS A 21 -15.02 29.04 2.34
CA CYS A 21 -14.13 30.18 2.46
C CYS A 21 -13.69 30.70 1.10
N TRP A 22 -14.52 30.48 0.07
CA TRP A 22 -14.30 31.06 -1.24
C TRP A 22 -15.66 31.29 -1.88
N LYS A 23 -15.65 32.07 -2.95
CA LYS A 23 -16.88 32.49 -3.60
C LYS A 23 -17.19 31.60 -4.80
N PRO A 24 -18.46 31.53 -5.19
CA PRO A 24 -18.85 30.70 -6.34
C PRO A 24 -17.94 30.93 -7.53
N GLY A 25 -17.49 29.84 -8.15
CA GLY A 25 -16.68 29.90 -9.34
C GLY A 25 -15.21 30.19 -9.10
N GLN A 26 -14.84 30.64 -7.91
CA GLN A 26 -13.43 30.85 -7.61
C GLN A 26 -12.73 29.51 -7.45
N LYS A 27 -11.42 29.51 -7.68
CA LYS A 27 -10.65 28.31 -7.44
C LYS A 27 -10.64 27.99 -5.95
N VAL A 28 -10.77 26.70 -5.63
CA VAL A 28 -10.70 26.27 -4.23
C VAL A 28 -9.32 26.64 -3.71
N PRO A 29 -9.20 27.42 -2.63
CA PRO A 29 -7.87 27.73 -2.10
C PRO A 29 -7.24 26.49 -1.48
N TYR A 30 -5.92 26.36 -1.62
CA TYR A 30 -5.27 25.22 -0.99
C TYR A 30 -5.42 25.27 0.52
N LEU A 31 -5.48 26.47 1.10
CA LEU A 31 -5.65 26.56 2.54
C LEU A 31 -6.95 25.92 2.99
N ALA A 32 -7.98 25.92 2.13
CA ALA A 32 -9.22 25.21 2.48
C ALA A 32 -8.96 23.73 2.62
N VAL A 33 -8.17 23.16 1.71
CA VAL A 33 -7.80 21.75 1.81
C VAL A 33 -6.96 21.51 3.06
N ALA A 34 -5.96 22.36 3.30
CA ALA A 34 -5.08 22.19 4.46
C ALA A 34 -5.87 22.28 5.77
N ARG A 35 -6.79 23.25 5.87
CA ARG A 35 -7.62 23.34 7.07
CA ARG A 35 -7.63 23.35 7.06
C ARG A 35 -8.49 22.09 7.22
N THR A 36 -8.95 21.53 6.11
CA THR A 36 -9.70 20.28 6.20
C THR A 36 -8.81 19.16 6.72
N PHE A 37 -7.58 19.08 6.20
CA PHE A 37 -6.64 18.09 6.70
C PHE A 37 -6.40 18.27 8.19
N GLU A 38 -6.24 19.52 8.65
CA GLU A 38 -6.05 19.77 10.08
C GLU A 38 -7.20 19.20 10.90
N LYS A 39 -8.44 19.47 10.48
CA LYS A 39 -9.59 19.03 11.26
C LYS A 39 -9.75 17.51 11.22
N ILE A 40 -9.28 16.86 10.15
CA ILE A 40 -9.29 15.41 10.07
C ILE A 40 -8.24 14.81 11.00
N GLU A 41 -7.02 15.33 10.97
CA GLU A 41 -5.95 14.77 11.79
CA GLU A 41 -5.97 14.75 11.79
C GLU A 41 -6.20 14.96 13.28
N GLU A 42 -7.01 15.97 13.65
CA GLU A 42 -7.31 16.26 15.05
C GLU A 42 -8.19 15.22 15.72
N VAL A 43 -8.83 14.33 14.97
CA VAL A 43 -9.81 13.41 15.55
C VAL A 43 -9.34 11.98 15.32
N SER A 44 -9.87 11.06 16.14
CA SER A 44 -9.58 9.65 16.00
C SER A 44 -10.68 8.87 15.28
N ALA A 45 -11.91 9.40 15.24
CA ALA A 45 -13.05 8.66 14.73
C ALA A 45 -13.14 8.85 13.21
N ARG A 46 -13.02 7.73 12.48
CA ARG A 46 -12.95 7.82 11.03
CA ARG A 46 -12.98 7.77 11.02
C ARG A 46 -14.24 8.40 10.45
N LEU A 47 -15.40 8.08 11.03
CA LEU A 47 -16.65 8.60 10.49
C LEU A 47 -16.76 10.11 10.69
N ARG A 48 -16.10 10.66 11.70
CA ARG A 48 -16.03 12.12 11.85
C ARG A 48 -15.12 12.70 10.78
N MET A 49 -14.03 12.01 10.44
CA MET A 49 -13.17 12.46 9.36
C MET A 49 -13.93 12.48 8.05
N VAL A 50 -14.74 11.44 7.79
CA VAL A 50 -15.52 11.37 6.57
C VAL A 50 -16.49 12.54 6.49
N GLU A 51 -17.16 12.85 7.60
CA GLU A 51 -18.09 13.96 7.60
C GLU A 51 -17.38 15.27 7.24
N THR A 52 -16.19 15.47 7.80
CA THR A 52 -15.46 16.71 7.56
C THR A 52 -15.00 16.82 6.12
N LEU A 53 -14.46 15.74 5.55
CA LEU A 53 -14.10 15.77 4.13
C LEU A 53 -15.34 15.96 3.26
N SER A 54 -16.43 15.28 3.61
CA SER A 54 -17.68 15.44 2.87
C SER A 54 -18.10 16.89 2.79
N ASN A 55 -17.93 17.64 3.89
CA ASN A 55 -18.31 19.05 3.91
C ASN A 55 -17.51 19.84 2.90
N LEU A 56 -16.18 19.68 2.92
CA LEU A 56 -15.36 20.32 1.90
C LEU A 56 -15.82 19.92 0.52
N LEU A 57 -16.00 18.62 0.28
CA LEU A 57 -16.37 18.17 -1.06
C LEU A 57 -17.72 18.74 -1.49
N ARG A 58 -18.66 18.89 -0.56
CA ARG A 58 -19.95 19.49 -0.93
C ARG A 58 -19.77 20.95 -1.36
N SER A 59 -18.91 21.70 -0.67
CA SER A 59 -18.63 23.06 -1.10
C SER A 59 -17.98 23.08 -2.48
N VAL A 60 -17.07 22.14 -2.73
CA VAL A 60 -16.41 22.10 -4.03
C VAL A 60 -17.44 21.83 -5.13
N VAL A 61 -18.31 20.85 -4.91
CA VAL A 61 -19.37 20.54 -5.88
C VAL A 61 -20.26 21.76 -6.10
N ALA A 62 -20.68 22.40 -5.01
CA ALA A 62 -21.64 23.50 -5.13
C ALA A 62 -21.02 24.73 -5.79
N LEU A 63 -19.75 25.01 -5.49
CA LEU A 63 -19.15 26.28 -5.84
C LEU A 63 -18.13 26.21 -6.97
N SER A 64 -17.40 25.09 -7.10
CA SER A 64 -16.24 25.02 -7.98
C SER A 64 -16.02 23.60 -8.49
N PRO A 65 -16.95 23.04 -9.26
CA PRO A 65 -16.89 21.62 -9.60
C PRO A 65 -15.62 21.23 -10.37
N PRO A 66 -15.01 22.12 -11.16
CA PRO A 66 -13.76 21.71 -11.82
C PRO A 66 -12.65 21.34 -10.85
N ASP A 67 -12.71 21.79 -9.60
CA ASP A 67 -11.69 21.45 -8.63
C ASP A 67 -11.96 20.17 -7.86
N LEU A 68 -13.07 19.48 -8.14
CA LEU A 68 -13.36 18.26 -7.40
C LEU A 68 -12.28 17.22 -7.63
N LEU A 69 -11.88 17.00 -8.87
CA LEU A 69 -10.88 15.96 -9.13
C LEU A 69 -9.55 16.29 -8.46
N PRO A 70 -8.98 17.48 -8.62
CA PRO A 70 -7.72 17.74 -7.89
C PRO A 70 -7.87 17.67 -6.38
N VAL A 71 -8.98 18.12 -5.81
CA VAL A 71 -9.12 18.03 -4.36
C VAL A 71 -9.13 16.57 -3.92
N LEU A 72 -9.80 15.71 -4.68
CA LEU A 72 -9.81 14.29 -4.34
C LEU A 72 -8.42 13.68 -4.40
N TYR A 73 -7.67 14.00 -5.46
CA TYR A 73 -6.31 13.47 -5.58
C TYR A 73 -5.42 14.00 -4.47
N LEU A 74 -5.58 15.27 -4.09
CA LEU A 74 -4.79 15.79 -2.98
C LEU A 74 -5.12 15.05 -1.69
N SER A 75 -6.41 14.71 -1.49
CA SER A 75 -6.82 14.04 -0.27
CA SER A 75 -6.80 14.06 -0.25
C SER A 75 -6.29 12.61 -0.20
N LEU A 76 -6.14 11.97 -1.35
CA LEU A 76 -5.56 10.63 -1.47
C LEU A 76 -4.03 10.65 -1.53
N ASN A 77 -3.44 11.82 -1.80
CA ASN A 77 -2.02 11.95 -2.13
C ASN A 77 -1.66 11.07 -3.32
N HIS A 78 -2.53 11.06 -4.33
CA HIS A 78 -2.26 10.44 -5.61
C HIS A 78 -2.07 11.52 -6.67
N LEU A 79 -1.44 11.12 -7.77
CA LEU A 79 -1.21 12.01 -8.90
C LEU A 79 -2.14 11.73 -10.07
N GLY A 80 -2.76 10.55 -10.10
CA GLY A 80 -3.60 10.14 -11.20
C GLY A 80 -3.99 8.68 -11.01
N PRO A 81 -4.69 8.12 -11.98
CA PRO A 81 -5.06 6.71 -11.88
C PRO A 81 -3.82 5.84 -11.85
N PRO A 82 -3.86 4.72 -11.12
CA PRO A 82 -2.64 3.93 -10.92
C PRO A 82 -2.05 3.33 -12.19
N GLN A 83 -2.85 3.01 -13.20
CA GLN A 83 -2.24 2.40 -14.37
C GLN A 83 -1.42 3.38 -15.20
N GLN A 84 -1.51 4.68 -14.92
CA GLN A 84 -0.70 5.63 -15.67
C GLN A 84 0.70 5.75 -15.10
N GLY A 85 0.91 5.33 -13.85
CA GLY A 85 2.25 5.21 -13.31
C GLY A 85 2.93 6.53 -13.02
N LEU A 86 2.17 7.59 -12.76
CA LEU A 86 2.78 8.85 -12.37
C LEU A 86 3.34 8.74 -10.96
N ALA A 87 4.54 9.27 -10.77
CA ALA A 87 5.18 9.27 -9.46
C ALA A 87 6.06 10.51 -9.36
N LEU A 88 6.12 11.09 -8.17
CA LEU A 88 6.82 12.36 -7.99
C LEU A 88 8.29 12.25 -8.35
N GLY A 89 8.91 11.12 -8.01
CA GLY A 89 10.36 11.07 -8.04
C GLY A 89 10.98 11.90 -6.94
N VAL A 90 10.24 12.13 -5.86
CA VAL A 90 10.68 12.91 -4.72
C VAL A 90 10.49 12.07 -3.47
N GLY A 91 11.53 11.96 -2.67
CA GLY A 91 11.45 11.35 -1.36
C GLY A 91 11.96 12.33 -0.31
N ASP A 92 12.36 11.82 0.85
CA ASP A 92 12.85 12.71 1.88
C ASP A 92 14.14 13.39 1.45
N GLY A 93 14.93 12.74 0.62
CA GLY A 93 16.18 13.32 0.17
C GLY A 93 16.00 14.63 -0.57
N VAL A 94 15.24 14.59 -1.67
CA VAL A 94 15.00 15.80 -2.44
C VAL A 94 14.22 16.81 -1.61
N LEU A 95 13.24 16.33 -0.83
CA LEU A 95 12.41 17.24 -0.06
C LEU A 95 13.23 17.99 0.98
N LEU A 96 14.09 17.28 1.71
CA LEU A 96 14.88 17.94 2.75
C LEU A 96 15.86 18.93 2.13
N LYS A 97 16.48 18.57 1.01
CA LYS A 97 17.33 19.51 0.31
C LYS A 97 16.54 20.76 -0.06
N ALA A 98 15.33 20.58 -0.59
CA ALA A 98 14.51 21.73 -0.96
C ALA A 98 14.13 22.55 0.26
N VAL A 99 13.75 21.89 1.36
CA VAL A 99 13.41 22.62 2.57
C VAL A 99 14.61 23.40 3.08
N ALA A 100 15.78 22.75 3.11
CA ALA A 100 16.99 23.45 3.52
C ALA A 100 17.21 24.69 2.68
N GLN A 101 17.23 24.52 1.35
CA GLN A 101 17.44 25.67 0.47
C GLN A 101 16.36 26.72 0.67
N ALA A 102 15.10 26.30 0.74
CA ALA A 102 14.01 27.26 0.87
C ALA A 102 14.19 28.11 2.11
N THR A 103 14.52 27.50 3.24
CA THR A 103 14.65 28.19 4.52
C THR A 103 16.06 28.71 4.78
N GLY A 104 16.99 28.55 3.84
CA GLY A 104 18.34 29.00 4.04
C GLY A 104 19.07 28.33 5.19
N ARG A 105 18.68 27.10 5.54
CA ARG A 105 19.31 26.35 6.61
C ARG A 105 20.20 25.24 6.05
N GLN A 106 21.16 24.81 6.87
CA GLN A 106 22.02 23.69 6.48
C GLN A 106 21.21 22.41 6.38
N LEU A 107 21.56 21.58 5.41
CA LEU A 107 20.81 20.35 5.19
C LEU A 107 20.82 19.46 6.42
N GLU A 108 22.00 19.32 7.06
CA GLU A 108 22.12 18.40 8.19
C GLU A 108 21.29 18.87 9.37
N SER A 109 21.12 20.18 9.55
CA SER A 109 20.28 20.68 10.63
C SER A 109 18.81 20.36 10.38
N VAL A 110 18.35 20.56 9.14
CA VAL A 110 16.97 20.24 8.78
C VAL A 110 16.72 18.75 8.94
N ARG A 111 17.65 17.93 8.47
CA ARG A 111 17.48 16.48 8.54
C ARG A 111 17.38 16.02 9.99
N ALA A 112 18.22 16.59 10.87
CA ALA A 112 18.18 16.22 12.28
C ALA A 112 16.86 16.63 12.93
N GLU A 113 16.38 17.84 12.63
CA GLU A 113 15.11 18.28 13.18
C GLU A 113 13.97 17.39 12.69
N ALA A 114 13.98 17.03 11.40
CA ALA A 114 12.94 16.17 10.86
C ALA A 114 12.90 14.83 11.60
N ALA A 115 14.07 14.24 11.83
CA ALA A 115 14.13 12.99 12.60
C ALA A 115 13.59 13.18 14.01
N GLU A 116 14.09 14.21 14.71
CA GLU A 116 13.66 14.46 16.08
C GLU A 116 12.15 14.62 16.17
N LYS A 117 11.57 15.47 15.31
CA LYS A 117 10.14 15.70 15.32
C LYS A 117 9.35 14.57 14.68
N GLY A 118 10.01 13.69 13.93
CA GLY A 118 9.32 12.59 13.29
C GLY A 118 8.34 13.02 12.23
N ASP A 119 8.55 14.19 11.62
CA ASP A 119 7.63 14.71 10.63
C ASP A 119 8.26 15.88 9.88
N VAL A 120 8.44 15.73 8.57
CA VAL A 120 9.05 16.79 7.79
C VAL A 120 8.13 18.00 7.69
N GLY A 121 6.81 17.79 7.80
CA GLY A 121 5.88 18.91 7.68
C GLY A 121 6.11 19.97 8.72
N LEU A 122 6.34 19.57 9.97
CA LEU A 122 6.54 20.53 11.04
C LEU A 122 7.84 21.31 10.85
N VAL A 123 8.82 20.73 10.17
CA VAL A 123 10.06 21.44 9.89
C VAL A 123 9.84 22.47 8.81
N ALA A 124 9.12 22.10 7.75
CA ALA A 124 8.89 23.05 6.66
C ALA A 124 7.99 24.20 7.10
N GLU A 125 7.07 23.95 8.02
CA GLU A 125 6.08 24.95 8.38
C GLU A 125 6.68 26.04 9.28
N ASN A 126 7.57 25.66 10.19
CA ASN A 126 8.03 26.55 11.25
C ASN A 126 9.29 27.32 10.86
N SER A 127 9.70 27.28 9.60
CA SER A 127 10.83 28.06 9.12
C SER A 127 10.38 28.94 7.96
N ARG A 128 10.82 30.20 7.99
CA ARG A 128 10.51 31.13 6.91
C ARG A 128 11.48 30.93 5.76
N SER A 129 10.97 31.11 4.54
CA SER A 129 11.81 31.00 3.35
C SER A 129 12.60 32.29 3.16
N THR A 130 13.92 32.15 2.97
CA THR A 130 14.78 33.30 2.70
C THR A 130 14.56 33.88 1.31
N GLN A 131 13.70 33.28 0.50
CA GLN A 131 13.36 33.80 -0.82
C GLN A 131 12.15 34.71 -0.79
N ARG A 132 11.29 34.57 0.21
CA ARG A 132 10.03 35.31 0.24
C ARG A 132 10.30 36.80 0.28
N LEU A 133 9.73 37.52 -0.69
CA LEU A 133 9.82 38.98 -0.71
C LEU A 133 9.01 39.55 0.45
N MET A 134 8.99 40.89 0.54
CA MET A 134 8.19 41.53 1.58
C MET A 134 6.71 41.25 1.39
N LEU A 135 6.21 41.42 0.17
CA LEU A 135 4.81 41.11 -0.13
C LEU A 135 4.73 39.68 -0.66
N PRO A 136 4.00 38.79 0.01
CA PRO A 136 4.01 37.38 -0.43
C PRO A 136 3.39 37.21 -1.79
N PRO A 137 3.60 36.08 -2.44
CA PRO A 137 2.89 35.79 -3.70
C PRO A 137 1.42 35.54 -3.43
N PRO A 138 0.61 35.35 -4.47
CA PRO A 138 -0.82 35.12 -4.26
C PRO A 138 -1.05 33.79 -3.58
N PRO A 139 -2.19 33.61 -2.89
CA PRO A 139 -2.42 32.35 -2.19
C PRO A 139 -2.45 31.17 -3.16
N LEU A 140 -1.98 30.04 -2.67
CA LEU A 140 -2.00 28.79 -3.42
C LEU A 140 -3.44 28.30 -3.58
N THR A 141 -3.71 27.68 -4.73
CA THR A 141 -5.00 27.06 -5.00
C THR A 141 -4.84 25.55 -5.06
N ALA A 142 -5.94 24.84 -4.76
CA ALA A 142 -5.90 23.38 -4.80
C ALA A 142 -5.49 22.89 -6.18
N SER A 143 -6.13 23.41 -7.23
CA SER A 143 -5.77 22.97 -8.56
CA SER A 143 -5.78 23.01 -8.58
C SER A 143 -4.34 23.40 -8.91
N GLY A 144 -3.90 24.56 -8.44
CA GLY A 144 -2.54 25.00 -8.73
C GLY A 144 -1.50 24.10 -8.10
N VAL A 145 -1.71 23.72 -6.83
CA VAL A 145 -0.77 22.83 -6.15
C VAL A 145 -0.77 21.47 -6.84
N PHE A 146 -1.96 20.94 -7.13
CA PHE A 146 -2.02 19.65 -7.80
C PHE A 146 -1.27 19.68 -9.13
N SER A 147 -1.46 20.73 -9.93
CA SER A 147 -0.74 20.82 -11.20
CA SER A 147 -0.74 20.83 -11.20
C SER A 147 0.76 20.89 -10.99
N LYS A 148 1.22 21.52 -9.90
CA LYS A 148 2.65 21.60 -9.63
C LYS A 148 3.20 20.24 -9.22
N PHE A 149 2.45 19.48 -8.42
CA PHE A 149 2.85 18.11 -8.15
C PHE A 149 2.99 17.33 -9.44
N ARG A 150 2.05 17.51 -10.37
CA ARG A 150 2.16 16.79 -11.63
C ARG A 150 3.35 17.30 -12.44
N ASP A 151 3.61 18.61 -12.41
CA ASP A 151 4.81 19.14 -13.06
C ASP A 151 6.06 18.47 -12.52
N ILE A 152 6.17 18.34 -11.20
CA ILE A 152 7.31 17.66 -10.58
C ILE A 152 7.44 16.26 -11.15
N ALA A 153 6.32 15.53 -11.22
CA ALA A 153 6.34 14.14 -11.65
C ALA A 153 6.81 14.00 -13.10
N ARG A 154 6.47 14.96 -13.95
CA ARG A 154 6.81 14.87 -15.37
C ARG A 154 8.26 15.23 -15.67
N LEU A 155 8.99 15.82 -14.73
CA LEU A 155 10.39 16.17 -14.96
C LEU A 155 11.25 14.91 -14.89
N THR A 156 12.02 14.67 -15.96
CA THR A 156 12.91 13.53 -16.06
C THR A 156 14.19 13.96 -16.75
N GLY A 157 15.19 13.08 -16.70
CA GLY A 157 16.44 13.33 -17.38
C GLY A 157 17.46 14.04 -16.52
N SER A 158 18.63 14.26 -17.11
CA SER A 158 19.70 14.91 -16.38
C SER A 158 19.28 16.30 -15.94
N ALA A 159 19.71 16.70 -14.74
CA ALA A 159 19.40 17.99 -14.15
C ALA A 159 17.91 18.14 -13.82
N SER A 160 17.16 17.04 -13.79
CA SER A 160 15.73 17.15 -13.47
C SER A 160 15.51 17.39 -11.98
N THR A 161 16.40 16.88 -11.13
CA THR A 161 16.22 17.04 -9.69
C THR A 161 16.22 18.52 -9.30
N ALA A 162 17.18 19.29 -9.82
CA ALA A 162 17.21 20.72 -9.53
C ALA A 162 15.93 21.41 -9.97
N LYS A 163 15.35 20.96 -11.08
CA LYS A 163 14.09 21.53 -11.55
C LYS A 163 12.95 21.18 -10.61
N LYS A 164 12.93 19.95 -10.09
CA LYS A 164 11.93 19.57 -9.11
C LYS A 164 12.06 20.43 -7.86
N ILE A 165 13.29 20.65 -7.40
CA ILE A 165 13.51 21.42 -6.19
C ILE A 165 13.03 22.85 -6.37
N ASP A 166 13.27 23.42 -7.55
CA ASP A 166 12.79 24.78 -7.81
C ASP A 166 11.29 24.89 -7.65
N ILE A 167 10.55 23.90 -8.15
CA ILE A 167 9.09 23.91 -7.99
C ILE A 167 8.71 23.81 -6.52
N ILE A 168 9.36 22.90 -5.80
CA ILE A 168 9.06 22.73 -4.37
C ILE A 168 9.34 24.02 -3.62
N LYS A 169 10.51 24.62 -3.86
CA LYS A 169 10.82 25.88 -3.20
C LYS A 169 9.77 26.94 -3.51
N GLY A 170 9.29 26.98 -4.75
CA GLY A 170 8.26 27.95 -5.11
C GLY A 170 6.97 27.72 -4.33
N LEU A 171 6.63 26.46 -4.08
CA LEU A 171 5.45 26.16 -3.28
C LEU A 171 5.63 26.68 -1.86
N PHE A 172 6.77 26.42 -1.24
CA PHE A 172 6.98 26.84 0.14
C PHE A 172 6.98 28.36 0.27
N VAL A 173 7.50 29.06 -0.75
CA VAL A 173 7.51 30.53 -0.69
C VAL A 173 6.09 31.08 -0.61
N ALA A 174 5.13 30.39 -1.22
CA ALA A 174 3.76 30.89 -1.27
C ALA A 174 2.88 30.34 -0.16
N CYS A 175 3.38 29.41 0.64
CA CYS A 175 2.57 28.80 1.68
C CYS A 175 2.21 29.79 2.77
N ARG A 176 1.02 29.61 3.34
CA ARG A 176 0.57 30.35 4.51
C ARG A 176 -0.02 29.37 5.52
N HIS A 177 0.05 29.74 6.80
CA HIS A 177 -0.60 28.99 7.88
C HIS A 177 -0.10 27.55 7.85
N SER A 178 -0.97 26.56 7.74
CA SER A 178 -0.58 25.16 7.82
C SER A 178 -0.22 24.56 6.46
N GLU A 179 -0.22 25.36 5.40
CA GLU A 179 -0.06 24.80 4.06
C GLU A 179 1.27 24.07 3.91
N ALA A 180 2.37 24.65 4.39
CA ALA A 180 3.67 24.03 4.17
C ALA A 180 3.76 22.66 4.83
N ARG A 181 3.09 22.50 5.97
CA ARG A 181 3.06 21.20 6.63
C ARG A 181 2.55 20.13 5.69
N PHE A 182 1.45 20.41 4.99
CA PHE A 182 0.81 19.36 4.19
C PHE A 182 1.43 19.23 2.81
N ILE A 183 1.96 20.32 2.24
CA ILE A 183 2.76 20.20 1.02
CA ILE A 183 2.71 20.14 1.01
C ILE A 183 3.94 19.28 1.27
N ALA A 184 4.65 19.52 2.37
CA ALA A 184 5.83 18.72 2.68
C ALA A 184 5.46 17.26 2.91
N ARG A 185 4.39 17.00 3.66
CA ARG A 185 3.99 15.62 3.93
C ARG A 185 3.57 14.93 2.64
N SER A 186 2.88 15.65 1.76
CA SER A 186 2.46 15.07 0.49
C SER A 186 3.67 14.67 -0.35
N LEU A 187 4.68 15.54 -0.38
CA LEU A 187 5.87 15.27 -1.17
C LEU A 187 6.68 14.12 -0.59
N SER A 188 6.65 13.93 0.73
CA SER A 188 7.39 12.84 1.33
C SER A 188 6.64 11.52 1.26
N GLY A 189 5.41 11.53 0.77
CA GLY A 189 4.58 10.34 0.69
C GLY A 189 3.88 9.95 1.97
N ARG A 190 3.86 10.82 2.97
CA ARG A 190 3.34 10.50 4.30
C ARG A 190 2.34 11.56 4.73
N LEU A 191 1.20 11.64 4.04
CA LEU A 191 0.18 12.61 4.44
C LEU A 191 -0.37 12.27 5.83
N ARG A 192 -0.56 10.97 6.11
CA ARG A 192 -0.86 10.45 7.46
C ARG A 192 -2.02 11.16 8.13
N LEU A 193 -3.13 11.28 7.39
CA LEU A 193 -4.35 11.86 7.91
C LEU A 193 -5.11 10.94 8.85
N GLY A 194 -5.01 9.63 8.67
CA GLY A 194 -5.94 8.70 9.27
C GLY A 194 -7.14 8.42 8.41
N LEU A 195 -7.19 9.06 7.25
CA LEU A 195 -8.26 8.96 6.26
C LEU A 195 -7.59 8.63 4.94
N ALA A 196 -8.06 7.57 4.29
CA ALA A 196 -7.47 7.15 3.03
C ALA A 196 -8.57 6.73 2.05
N GLU A 197 -8.26 5.81 1.14
CA GLU A 197 -9.13 5.56 0.00
C GLU A 197 -10.57 5.26 0.40
N GLN A 198 -10.79 4.37 1.37
CA GLN A 198 -12.16 4.00 1.69
C GLN A 198 -12.95 5.17 2.28
N SER A 199 -12.30 5.98 3.12
CA SER A 199 -12.96 7.15 3.68
C SER A 199 -13.19 8.22 2.62
N VAL A 200 -12.25 8.37 1.68
CA VAL A 200 -12.44 9.36 0.60
C VAL A 200 -13.64 8.96 -0.25
N LEU A 201 -13.77 7.68 -0.59
CA LEU A 201 -14.94 7.24 -1.35
C LEU A 201 -16.21 7.48 -0.57
N ALA A 202 -16.21 7.19 0.73
CA ALA A 202 -17.42 7.42 1.53
C ALA A 202 -17.76 8.90 1.57
N ALA A 203 -16.74 9.76 1.70
CA ALA A 203 -17.00 11.20 1.71
C ALA A 203 -17.55 11.67 0.37
N LEU A 204 -17.01 11.11 -0.71
CA LEU A 204 -17.41 11.51 -2.06
C LEU A 204 -18.85 11.11 -2.34
N SER A 205 -19.22 9.85 -2.03
CA SER A 205 -20.59 9.44 -2.27
C SER A 205 -21.56 10.22 -1.39
N GLN A 206 -21.18 10.48 -0.15
CA GLN A 206 -22.04 11.29 0.71
C GLN A 206 -22.19 12.70 0.15
N ALA A 207 -21.08 13.29 -0.32
CA ALA A 207 -21.11 14.67 -0.78
C ALA A 207 -22.01 14.82 -2.00
N VAL A 208 -21.85 13.96 -3.00
CA VAL A 208 -22.65 14.13 -4.21
C VAL A 208 -24.09 13.71 -3.98
N SER A 209 -24.35 12.89 -2.95
CA SER A 209 -25.73 12.55 -2.60
C SER A 209 -26.43 13.74 -1.91
N LEU A 210 -25.75 14.35 -0.94
CA LEU A 210 -26.34 15.46 -0.19
C LEU A 210 -26.43 16.74 -1.00
N THR A 211 -25.45 16.98 -1.88
CA THR A 211 -25.35 18.21 -2.66
C THR A 211 -25.17 17.82 -4.13
N PRO A 212 -26.25 17.56 -4.84
CA PRO A 212 -26.14 16.99 -6.20
C PRO A 212 -25.36 17.90 -7.12
N PRO A 213 -24.48 17.34 -7.97
CA PRO A 213 -23.81 18.15 -8.97
C PRO A 213 -24.78 18.65 -10.04
N GLY A 214 -24.35 19.69 -10.76
CA GLY A 214 -25.05 20.11 -11.96
C GLY A 214 -26.26 20.97 -11.73
N GLN A 215 -26.38 21.61 -10.56
CA GLN A 215 -27.52 22.46 -10.27
C GLN A 215 -27.27 23.87 -10.75
N GLU A 216 -28.31 24.51 -11.27
CA GLU A 216 -28.25 25.93 -11.58
C GLU A 216 -27.92 26.71 -10.32
N PHE A 217 -26.89 27.56 -10.39
CA PHE A 217 -26.46 28.30 -9.20
C PHE A 217 -27.35 29.53 -8.96
N PRO A 218 -27.70 29.81 -7.70
CA PRO A 218 -27.37 29.05 -6.47
C PRO A 218 -28.17 27.75 -6.37
N PRO A 219 -27.54 26.70 -5.86
CA PRO A 219 -28.17 25.38 -5.92
C PRO A 219 -29.42 25.34 -5.05
N ALA A 220 -30.52 24.87 -5.65
CA ALA A 220 -31.76 24.73 -4.89
C ALA A 220 -31.64 23.66 -3.81
N MET A 221 -30.79 22.67 -4.00
CA MET A 221 -30.68 21.53 -3.10
C MET A 221 -29.24 21.46 -2.58
N VAL A 222 -29.01 22.01 -1.39
CA VAL A 222 -27.68 21.91 -0.78
C VAL A 222 -27.58 20.76 0.21
N ASP A 223 -28.72 20.23 0.70
CA ASP A 223 -28.70 19.11 1.64
C ASP A 223 -29.92 18.24 1.36
N ALA A 224 -29.74 17.25 0.48
CA ALA A 224 -30.85 16.40 0.07
C ALA A 224 -31.21 15.37 1.12
N GLY A 225 -30.46 15.27 2.21
CA GLY A 225 -30.84 14.39 3.30
C GLY A 225 -31.77 15.01 4.33
N LYS A 226 -31.99 16.32 4.26
CA LYS A 226 -32.63 17.05 5.35
C LYS A 226 -34.09 16.67 5.54
N GLY A 227 -34.76 16.22 4.47
CA GLY A 227 -36.15 15.82 4.55
C GLY A 227 -36.37 14.39 4.97
N LYS A 228 -35.30 13.64 5.19
CA LYS A 228 -35.38 12.24 5.58
C LYS A 228 -35.18 12.11 7.08
N THR A 229 -35.82 11.10 7.67
CA THR A 229 -35.43 10.68 9.00
C THR A 229 -33.97 10.25 9.00
N ALA A 230 -33.35 10.29 10.18
CA ALA A 230 -31.96 9.85 10.27
C ALA A 230 -31.81 8.41 9.80
N GLU A 231 -32.78 7.56 10.12
CA GLU A 231 -32.69 6.15 9.73
C GLU A 231 -32.78 6.00 8.22
N ALA A 232 -33.72 6.69 7.57
CA ALA A 232 -33.84 6.59 6.12
C ALA A 232 -32.63 7.20 5.43
N ARG A 233 -32.13 8.33 5.94
CA ARG A 233 -30.93 8.94 5.38
C ARG A 233 -29.75 7.98 5.43
N LYS A 234 -29.62 7.22 6.52
CA LYS A 234 -28.50 6.31 6.67
C LYS A 234 -28.56 5.19 5.65
N THR A 235 -29.73 4.56 5.51
CA THR A 235 -29.91 3.50 4.52
C THR A 235 -29.61 4.02 3.12
N TRP A 236 -30.09 5.22 2.81
CA TRP A 236 -29.88 5.80 1.48
C TRP A 236 -28.40 6.04 1.22
N LEU A 237 -27.71 6.68 2.17
CA LEU A 237 -26.29 6.95 1.95
C LEU A 237 -25.47 5.68 1.87
N GLU A 238 -25.86 4.64 2.61
CA GLU A 238 -25.15 3.37 2.52
C GLU A 238 -25.32 2.77 1.12
N GLU A 239 -26.53 2.84 0.57
CA GLU A 239 -26.78 2.31 -0.76
C GLU A 239 -26.03 3.11 -1.81
N GLN A 240 -26.06 4.44 -1.70
CA GLN A 240 -25.30 5.27 -2.62
C GLN A 240 -23.80 5.01 -2.45
N GLY A 241 -23.33 4.83 -1.22
CA GLY A 241 -21.92 4.53 -1.00
C GLY A 241 -21.48 3.27 -1.73
N MET A 242 -22.33 2.24 -1.71
CA MET A 242 -21.98 0.97 -2.34
C MET A 242 -21.98 1.08 -3.86
N ILE A 243 -22.85 1.90 -4.44
CA ILE A 243 -22.80 2.13 -5.88
C ILE A 243 -21.44 2.68 -6.27
N LEU A 244 -20.99 3.72 -5.56
CA LEU A 244 -19.70 4.31 -5.89
C LEU A 244 -18.57 3.32 -5.66
N LYS A 245 -18.62 2.64 -4.51
CA LYS A 245 -17.53 1.73 -4.14
C LYS A 245 -17.42 0.59 -5.13
N GLN A 246 -18.53 -0.03 -5.52
CA GLN A 246 -18.44 -1.15 -6.44
C GLN A 246 -17.98 -0.69 -7.81
N THR A 247 -18.45 0.48 -8.26
CA THR A 247 -17.94 1.03 -9.52
C THR A 247 -16.45 1.28 -9.44
N PHE A 248 -15.98 1.92 -8.36
CA PHE A 248 -14.56 2.22 -8.22
C PHE A 248 -13.72 0.94 -8.20
N CYS A 249 -14.20 -0.09 -7.50
CA CYS A 249 -13.45 -1.34 -7.42
CA CYS A 249 -13.37 -1.28 -7.43
C CYS A 249 -13.28 -1.99 -8.78
N GLU A 250 -14.26 -1.79 -9.69
CA GLU A 250 -14.18 -2.31 -11.05
C GLU A 250 -13.42 -1.36 -11.98
N VAL A 251 -13.50 -0.06 -11.71
CA VAL A 251 -12.87 0.97 -12.53
C VAL A 251 -12.20 1.95 -11.56
N PRO A 252 -11.07 1.63 -11.00
CA PRO A 252 -10.47 2.51 -9.99
C PRO A 252 -9.74 3.69 -10.60
N ASP A 253 -10.50 4.57 -11.24
CA ASP A 253 -9.95 5.62 -12.07
C ASP A 253 -10.84 6.85 -11.92
N LEU A 254 -10.38 7.80 -11.08
CA LEU A 254 -11.20 8.98 -10.83
C LEU A 254 -11.30 9.85 -12.08
N ASP A 255 -10.27 9.82 -12.95
CA ASP A 255 -10.36 10.52 -14.22
C ASP A 255 -11.58 10.10 -15.03
N ARG A 256 -11.97 8.82 -14.92
CA ARG A 256 -13.15 8.34 -15.61
C ARG A 256 -14.43 8.59 -14.81
N ILE A 257 -14.37 8.45 -13.49
CA ILE A 257 -15.59 8.44 -12.69
C ILE A 257 -16.12 9.85 -12.47
N ILE A 258 -15.24 10.80 -12.12
CA ILE A 258 -15.71 12.12 -11.71
C ILE A 258 -16.46 12.83 -12.82
N PRO A 259 -15.99 12.87 -14.06
CA PRO A 259 -16.81 13.52 -15.11
C PRO A 259 -18.20 12.92 -15.23
N VAL A 260 -18.32 11.59 -15.15
CA VAL A 260 -19.62 10.94 -15.18
C VAL A 260 -20.46 11.39 -14.00
N LEU A 261 -19.87 11.40 -12.82
CA LEU A 261 -20.57 11.79 -11.60
C LEU A 261 -21.13 13.19 -11.72
N LEU A 262 -20.30 14.14 -12.20
CA LEU A 262 -20.75 15.52 -12.33
C LEU A 262 -21.80 15.68 -13.41
N GLU A 263 -21.72 14.88 -14.46
CA GLU A 263 -22.63 15.02 -15.60
C GLU A 263 -23.92 14.23 -15.43
N HIS A 264 -23.85 12.99 -14.93
CA HIS A 264 -25.00 12.10 -14.92
C HIS A 264 -25.47 11.72 -13.52
N GLY A 265 -24.69 11.96 -12.48
CA GLY A 265 -25.08 11.60 -11.15
C GLY A 265 -24.65 10.19 -10.76
N LEU A 266 -24.66 9.95 -9.45
CA LEU A 266 -24.15 8.69 -8.93
C LEU A 266 -25.07 7.51 -9.28
N GLU A 267 -26.39 7.72 -9.28
CA GLU A 267 -27.28 6.61 -9.57
C GLU A 267 -27.07 6.05 -10.98
N ARG A 268 -26.65 6.89 -11.92
CA ARG A 268 -26.42 6.43 -13.29
C ARG A 268 -24.99 5.97 -13.52
N LEU A 269 -24.13 6.05 -12.50
CA LEU A 269 -22.71 5.79 -12.71
C LEU A 269 -22.45 4.42 -13.30
N PRO A 270 -23.03 3.33 -12.79
CA PRO A 270 -22.69 2.00 -13.32
C PRO A 270 -23.09 1.81 -14.78
N GLU A 271 -23.95 2.66 -15.32
CA GLU A 271 -24.28 2.57 -16.75
C GLU A 271 -23.14 3.08 -17.61
N HIS A 272 -22.33 4.00 -17.08
CA HIS A 272 -21.24 4.62 -17.84
C HIS A 272 -19.87 4.07 -17.49
N CYS A 273 -19.69 3.49 -16.30
CA CYS A 273 -18.39 2.95 -15.89
C CYS A 273 -18.60 1.51 -15.45
N LYS A 274 -18.12 0.56 -16.25
CA LYS A 274 -18.27 -0.86 -15.98
C LYS A 274 -16.94 -1.58 -16.17
N LEU A 275 -16.75 -2.66 -15.41
CA LEU A 275 -15.62 -3.56 -15.59
C LEU A 275 -15.41 -3.86 -17.06
N SER A 276 -14.16 -3.75 -17.53
CA SER A 276 -13.89 -4.14 -18.90
C SER A 276 -12.44 -4.54 -19.07
N PRO A 277 -12.13 -5.52 -19.91
CA PRO A 277 -10.73 -5.86 -20.16
C PRO A 277 -9.96 -4.64 -20.67
N GLY A 278 -8.74 -4.49 -20.17
CA GLY A 278 -7.91 -3.35 -20.49
C GLY A 278 -7.93 -2.27 -19.42
N ILE A 279 -8.90 -2.29 -18.53
CA ILE A 279 -8.95 -1.37 -17.39
C ILE A 279 -8.74 -2.21 -16.13
N PRO A 280 -7.68 -1.97 -15.36
CA PRO A 280 -7.41 -2.83 -14.21
C PRO A 280 -8.46 -2.66 -13.13
N LEU A 281 -8.70 -3.74 -12.38
CA LEU A 281 -9.65 -3.72 -11.28
C LEU A 281 -8.93 -4.05 -9.98
N LYS A 282 -9.57 -3.68 -8.88
CA LYS A 282 -9.03 -3.96 -7.57
C LYS A 282 -9.06 -5.47 -7.33
N PRO A 283 -7.97 -6.06 -6.88
CA PRO A 283 -7.95 -7.51 -6.65
C PRO A 283 -8.49 -7.88 -5.28
N MET A 284 -8.97 -9.11 -5.21
CA MET A 284 -9.39 -9.66 -3.92
C MET A 284 -8.16 -9.97 -3.07
N LEU A 285 -8.20 -9.55 -1.80
CA LEU A 285 -7.12 -9.74 -0.85
C LEU A 285 -7.49 -10.81 0.17
N ALA A 286 -6.57 -11.11 1.09
CA ALA A 286 -6.77 -12.17 2.07
C ALA A 286 -6.59 -11.66 3.50
N HIS A 287 -7.37 -12.21 4.38
CA HIS A 287 -7.29 -11.92 5.79
C HIS A 287 -6.42 -12.97 6.47
N PRO A 288 -5.43 -12.59 7.27
CA PRO A 288 -4.59 -13.59 7.94
C PRO A 288 -5.37 -14.37 8.99
N THR A 289 -5.17 -15.68 8.99
CA THR A 289 -5.90 -16.61 9.86
C THR A 289 -4.88 -17.44 10.62
N ARG A 290 -4.99 -17.45 11.94
CA ARG A 290 -3.96 -18.00 12.81
C ARG A 290 -4.22 -19.44 13.20
N GLY A 291 -4.90 -20.21 12.36
CA GLY A 291 -5.12 -21.62 12.64
C GLY A 291 -6.32 -22.15 11.89
N ILE A 292 -6.32 -23.47 11.72
CA ILE A 292 -7.40 -24.12 10.99
C ILE A 292 -8.72 -23.97 11.74
N SER A 293 -8.67 -23.89 13.06
CA SER A 293 -9.91 -23.69 13.83
C SER A 293 -10.47 -22.30 13.58
N GLU A 294 -9.62 -21.30 13.39
CA GLU A 294 -10.10 -19.98 13.02
C GLU A 294 -10.72 -20.01 11.63
N VAL A 295 -10.15 -20.80 10.71
CA VAL A 295 -10.76 -20.97 9.39
C VAL A 295 -12.19 -21.46 9.52
N LEU A 296 -12.39 -22.56 10.26
CA LEU A 296 -13.72 -23.14 10.37
C LEU A 296 -14.70 -22.19 11.06
N LYS A 297 -14.23 -21.46 12.08
CA LYS A 297 -15.09 -20.47 12.71
C LYS A 297 -15.55 -19.43 11.70
N ARG A 298 -14.63 -18.95 10.87
CA ARG A 298 -14.95 -17.87 9.94
C ARG A 298 -15.89 -18.34 8.84
N PHE A 299 -15.67 -19.55 8.31
CA PHE A 299 -16.48 -20.09 7.23
C PHE A 299 -17.54 -21.06 7.72
N GLU A 300 -17.79 -21.09 9.03
CA GLU A 300 -18.86 -21.88 9.64
C GLU A 300 -19.27 -23.09 8.80
N GLU A 301 -20.46 -23.04 8.21
N GLU A 301 -20.47 -23.08 8.21
CA GLU A 301 -21.06 -24.13 7.45
CA GLU A 301 -20.97 -24.25 7.49
C GLU A 301 -21.10 -23.80 5.96
C GLU A 301 -20.63 -24.21 6.01
N ALA A 302 -20.03 -23.22 5.45
N ALA A 302 -20.22 -23.06 5.49
CA ALA A 302 -19.92 -22.85 4.04
CA ALA A 302 -19.99 -22.93 4.06
C ALA A 302 -18.82 -23.68 3.42
C ALA A 302 -18.94 -23.92 3.58
N ALA A 303 -19.16 -24.45 2.38
CA ALA A 303 -18.15 -25.25 1.71
C ALA A 303 -17.03 -24.34 1.22
N PHE A 304 -15.80 -24.79 1.36
CA PHE A 304 -14.68 -23.98 0.90
C PHE A 304 -13.61 -24.85 0.26
N THR A 305 -12.70 -24.20 -0.46
CA THR A 305 -11.57 -24.82 -1.10
C THR A 305 -10.29 -24.25 -0.51
N CYS A 306 -9.27 -25.10 -0.41
CA CYS A 306 -7.93 -24.68 -0.02
C CYS A 306 -7.04 -24.74 -1.25
N GLU A 307 -6.20 -23.71 -1.41
CA GLU A 307 -5.27 -23.66 -2.52
C GLU A 307 -3.89 -23.30 -1.99
N TYR A 308 -2.87 -23.83 -2.66
CA TYR A 308 -1.51 -23.37 -2.45
C TYR A 308 -1.42 -21.87 -2.62
N LYS A 309 -0.71 -21.22 -1.70
CA LYS A 309 -0.39 -19.79 -1.81
C LYS A 309 1.02 -19.67 -2.38
N TYR A 310 1.10 -19.41 -3.68
CA TYR A 310 2.38 -19.33 -4.38
C TYR A 310 3.10 -18.03 -4.05
N ASP A 311 4.43 -18.10 -3.99
CA ASP A 311 5.25 -16.99 -3.55
C ASP A 311 5.84 -16.33 -4.79
N GLY A 312 5.03 -15.49 -5.43
CA GLY A 312 5.49 -14.76 -6.59
C GLY A 312 4.96 -13.33 -6.57
N GLN A 313 4.49 -12.88 -7.73
CA GLN A 313 3.83 -11.60 -7.84
C GLN A 313 2.53 -11.78 -8.60
N ARG A 314 1.52 -11.03 -8.18
CA ARG A 314 0.22 -11.15 -8.81
C ARG A 314 0.28 -10.62 -10.24
N ALA A 315 -0.39 -11.33 -11.14
CA ALA A 315 -0.52 -10.89 -12.52
C ALA A 315 -2.00 -10.99 -12.89
N GLN A 316 -2.63 -9.84 -13.05
CA GLN A 316 -3.99 -9.77 -13.53
C GLN A 316 -3.91 -9.64 -15.04
N ILE A 317 -4.33 -10.68 -15.75
CA ILE A 317 -4.11 -10.76 -17.20
C ILE A 317 -5.42 -10.47 -17.92
N HIS A 318 -5.37 -9.47 -18.81
CA HIS A 318 -6.54 -9.03 -19.57
C HIS A 318 -6.35 -9.38 -21.03
N ALA A 319 -7.32 -10.08 -21.60
CA ALA A 319 -7.41 -10.27 -23.04
C ALA A 319 -8.64 -9.56 -23.54
N LEU A 320 -8.44 -8.54 -24.35
CA LEU A 320 -9.52 -7.74 -24.90
C LEU A 320 -10.08 -8.39 -26.16
N GLU A 321 -11.37 -8.15 -26.41
CA GLU A 321 -11.93 -8.50 -27.71
C GLU A 321 -11.03 -7.88 -28.77
N GLY A 322 -10.70 -8.66 -29.79
CA GLY A 322 -9.80 -8.19 -30.83
C GLY A 322 -8.37 -8.66 -30.70
N GLY A 323 -7.96 -9.12 -29.52
CA GLY A 323 -6.69 -9.82 -29.38
C GLY A 323 -5.64 -9.15 -28.50
N GLU A 324 -5.80 -7.88 -28.13
CA GLU A 324 -4.79 -7.22 -27.31
C GLU A 324 -4.77 -7.81 -25.91
N VAL A 325 -3.57 -7.92 -25.34
CA VAL A 325 -3.35 -8.45 -24.01
C VAL A 325 -2.67 -7.38 -23.17
N LYS A 326 -3.16 -7.21 -21.94
CA LYS A 326 -2.53 -6.36 -20.96
C LYS A 326 -2.36 -7.13 -19.67
N ILE A 327 -1.34 -6.76 -18.90
CA ILE A 327 -1.06 -7.39 -17.63
C ILE A 327 -0.86 -6.28 -16.60
N PHE A 328 -1.55 -6.40 -15.47
CA PHE A 328 -1.47 -5.42 -14.40
C PHE A 328 -1.01 -6.07 -13.11
N SER A 329 -0.37 -5.26 -12.28
CA SER A 329 0.03 -5.69 -10.94
C SER A 329 -1.16 -5.64 -9.99
N ARG A 330 -0.92 -6.16 -8.78
CA ARG A 330 -1.89 -6.08 -7.69
C ARG A 330 -2.32 -4.64 -7.42
N ASN A 331 -1.43 -3.67 -7.64
CA ASN A 331 -1.75 -2.26 -7.41
C ASN A 331 -2.12 -1.52 -8.70
N GLN A 332 -2.49 -2.27 -9.75
CA GLN A 332 -3.03 -1.72 -10.99
C GLN A 332 -1.98 -1.06 -11.87
N ALA A 333 -0.69 -1.31 -11.60
CA ALA A 333 0.35 -0.83 -12.49
C ALA A 333 0.35 -1.64 -13.77
N ASP A 334 0.60 -1.00 -14.90
CA ASP A 334 0.66 -1.70 -16.18
C ASP A 334 2.00 -2.41 -16.30
N ASN A 335 1.96 -3.74 -16.25
CA ASN A 335 3.15 -4.58 -16.33
C ASN A 335 3.26 -5.28 -17.68
N THR A 336 2.47 -4.86 -18.66
CA THR A 336 2.46 -5.53 -19.96
C THR A 336 3.86 -5.61 -20.56
N GLY A 337 4.62 -4.52 -20.48
CA GLY A 337 5.95 -4.49 -21.08
C GLY A 337 6.97 -5.34 -20.35
N LYS A 338 6.65 -5.76 -19.14
CA LYS A 338 7.56 -6.59 -18.35
C LYS A 338 7.50 -8.05 -18.74
N TYR A 339 6.42 -8.49 -19.39
CA TYR A 339 6.15 -9.92 -19.61
C TYR A 339 5.86 -10.23 -21.07
N PRO A 340 6.78 -9.94 -21.99
CA PRO A 340 6.56 -10.37 -23.37
C PRO A 340 6.43 -11.87 -23.49
N ASP A 341 7.03 -12.63 -22.57
CA ASP A 341 6.91 -14.08 -22.60
C ASP A 341 5.49 -14.51 -22.28
N ILE A 342 4.83 -13.85 -21.33
CA ILE A 342 3.44 -14.20 -21.04
C ILE A 342 2.55 -13.85 -22.22
N ILE A 343 2.76 -12.68 -22.83
CA ILE A 343 1.91 -12.27 -23.94
CA ILE A 343 1.93 -12.25 -23.95
C ILE A 343 1.97 -13.29 -25.07
N SER A 344 3.16 -13.76 -25.39
CA SER A 344 3.29 -14.72 -26.48
C SER A 344 2.65 -16.07 -26.15
N ARG A 345 2.46 -16.41 -24.88
CA ARG A 345 1.90 -17.71 -24.53
CA ARG A 345 1.90 -17.72 -24.55
C ARG A 345 0.39 -17.69 -24.38
N ILE A 346 -0.24 -16.54 -24.46
CA ILE A 346 -1.70 -16.46 -24.29
C ILE A 346 -2.42 -17.38 -25.28
N PRO A 347 -2.05 -17.45 -26.56
CA PRO A 347 -2.76 -18.37 -27.45
C PRO A 347 -2.68 -19.82 -27.00
N LYS A 348 -1.68 -20.15 -26.20
CA LYS A 348 -1.46 -21.50 -25.72
C LYS A 348 -2.28 -21.83 -24.47
N ILE A 349 -2.76 -20.82 -23.75
CA ILE A 349 -3.45 -21.07 -22.49
C ILE A 349 -4.97 -21.04 -22.62
N LYS A 350 -5.50 -20.39 -23.66
CA LYS A 350 -6.94 -20.23 -23.79
C LYS A 350 -7.43 -21.06 -24.96
N LEU A 351 -8.61 -21.64 -24.80
CA LEU A 351 -9.21 -22.35 -25.90
C LEU A 351 -9.66 -21.34 -26.95
N PRO A 352 -9.78 -21.77 -28.21
CA PRO A 352 -10.09 -20.79 -29.28
C PRO A 352 -11.47 -20.18 -29.17
N SER A 353 -12.36 -20.76 -28.37
CA SER A 353 -13.68 -20.18 -28.14
C SER A 353 -13.64 -18.96 -27.22
N VAL A 354 -12.52 -18.72 -26.54
CA VAL A 354 -12.41 -17.60 -25.62
C VAL A 354 -12.04 -16.35 -26.42
N THR A 355 -12.90 -15.33 -26.36
CA THR A 355 -12.70 -14.09 -27.09
C THR A 355 -12.23 -12.94 -26.22
N SER A 356 -12.43 -13.00 -24.91
CA SER A 356 -11.95 -11.97 -24.00
C SER A 356 -11.96 -12.56 -22.59
N PHE A 357 -11.04 -12.11 -21.74
CA PHE A 357 -11.04 -12.60 -20.38
C PHE A 357 -10.26 -11.65 -19.48
N ILE A 358 -10.48 -11.82 -18.18
CA ILE A 358 -9.62 -11.28 -17.15
C ILE A 358 -9.31 -12.42 -16.20
N LEU A 359 -8.02 -12.79 -16.13
CA LEU A 359 -7.53 -13.87 -15.29
C LEU A 359 -6.79 -13.32 -14.08
N ASP A 360 -6.92 -14.04 -12.97
CA ASP A 360 -6.24 -13.73 -11.72
C ASP A 360 -5.21 -14.84 -11.50
N THR A 361 -3.91 -14.47 -11.53
CA THR A 361 -2.84 -15.45 -11.48
C THR A 361 -1.71 -14.98 -10.58
N GLU A 362 -0.85 -15.92 -10.20
CA GLU A 362 0.42 -15.59 -9.59
C GLU A 362 1.52 -15.93 -10.57
N ALA A 363 2.39 -14.96 -10.84
CA ALA A 363 3.59 -15.21 -11.65
C ALA A 363 4.71 -15.65 -10.71
N VAL A 364 5.28 -16.82 -10.98
CA VAL A 364 6.28 -17.42 -10.11
C VAL A 364 7.51 -17.75 -10.93
N ALA A 365 8.68 -17.42 -10.41
CA ALA A 365 9.91 -17.78 -11.10
C ALA A 365 10.01 -19.30 -11.21
N TRP A 366 10.46 -19.78 -12.37
CA TRP A 366 10.40 -21.20 -12.70
C TRP A 366 11.69 -21.61 -13.38
N ASP A 367 12.35 -22.60 -12.81
CA ASP A 367 13.59 -23.16 -13.36
C ASP A 367 13.23 -24.24 -14.38
N ARG A 368 13.42 -23.95 -15.66
CA ARG A 368 13.05 -24.92 -16.69
C ARG A 368 14.02 -26.08 -16.75
N GLU A 369 15.27 -25.89 -16.33
CA GLU A 369 16.21 -27.01 -16.31
C GLU A 369 15.80 -28.03 -15.26
N LYS A 370 15.52 -27.58 -14.04
CA LYS A 370 15.14 -28.45 -12.94
C LYS A 370 13.63 -28.65 -12.82
N LYS A 371 12.83 -27.92 -13.59
CA LYS A 371 11.37 -28.00 -13.53
C LYS A 371 10.85 -27.79 -12.11
N GLN A 372 11.23 -26.67 -11.51
CA GLN A 372 10.77 -26.39 -10.15
C GLN A 372 10.65 -24.90 -9.92
N ILE A 373 9.75 -24.56 -9.00
CA ILE A 373 9.54 -23.18 -8.58
C ILE A 373 10.84 -22.61 -8.01
N GLN A 374 11.09 -21.34 -8.27
CA GLN A 374 12.21 -20.65 -7.67
C GLN A 374 11.73 -19.58 -6.71
N PRO A 375 12.58 -19.17 -5.78
CA PRO A 375 12.15 -18.23 -4.74
C PRO A 375 11.73 -16.87 -5.28
N PHE A 376 10.95 -16.18 -4.47
CA PHE A 376 10.54 -14.80 -4.78
C PHE A 376 11.73 -13.94 -5.15
N GLN A 377 12.86 -14.11 -4.46
CA GLN A 377 14.03 -13.27 -4.69
CA GLN A 377 13.99 -13.24 -4.70
C GLN A 377 14.50 -13.38 -6.13
N VAL A 378 14.37 -14.56 -6.73
CA VAL A 378 14.79 -14.76 -8.11
C VAL A 378 13.84 -14.02 -9.05
N LEU A 379 12.53 -14.11 -8.79
CA LEU A 379 11.56 -13.38 -9.60
C LEU A 379 11.85 -11.89 -9.64
N THR A 380 12.26 -11.31 -8.51
CA THR A 380 12.45 -9.86 -8.46
C THR A 380 13.60 -9.39 -9.34
N THR A 381 14.46 -10.30 -9.83
CA THR A 381 15.53 -9.89 -10.73
C THR A 381 15.10 -9.77 -12.19
N ARG A 382 13.82 -10.01 -12.51
CA ARG A 382 13.32 -9.69 -13.84
C ARG A 382 13.48 -8.20 -14.11
N LYS A 383 13.78 -7.86 -15.36
CA LYS A 383 13.72 -6.45 -15.74
C LYS A 383 12.27 -5.99 -15.73
N ARG A 384 12.08 -4.68 -15.57
CA ARG A 384 10.74 -4.11 -15.42
CA ARG A 384 10.74 -4.11 -15.42
C ARG A 384 10.20 -3.50 -16.71
N LYS A 385 10.99 -2.67 -17.37
CA LYS A 385 10.48 -1.84 -18.45
C LYS A 385 10.89 -2.36 -19.83
N GLU A 386 9.91 -2.40 -20.73
CA GLU A 386 10.06 -2.84 -22.11
C GLU A 386 11.13 -3.91 -22.28
N VAL A 387 10.87 -5.09 -21.73
CA VAL A 387 11.72 -6.25 -21.95
C VAL A 387 11.40 -6.88 -23.30
N ASP A 388 12.43 -7.38 -23.98
CA ASP A 388 12.29 -8.17 -25.19
C ASP A 388 12.40 -9.65 -24.87
N ALA A 389 11.59 -10.47 -25.53
CA ALA A 389 11.41 -11.86 -25.11
C ALA A 389 12.71 -12.65 -25.18
N SER A 390 13.61 -12.30 -26.11
CA SER A 390 14.84 -13.05 -26.27
C SER A 390 15.74 -12.92 -25.05
N GLU A 391 15.73 -11.77 -24.39
CA GLU A 391 16.67 -11.46 -23.32
C GLU A 391 16.21 -11.94 -21.95
N ILE A 392 15.05 -12.56 -21.85
CA ILE A 392 14.54 -13.04 -20.57
CA ILE A 392 14.56 -13.01 -20.55
C ILE A 392 15.46 -14.12 -20.02
N GLN A 393 15.92 -13.94 -18.79
CA GLN A 393 16.74 -14.91 -18.08
C GLN A 393 15.95 -15.70 -17.06
N VAL A 394 15.02 -15.06 -16.36
CA VAL A 394 14.22 -15.71 -15.33
C VAL A 394 12.85 -16.03 -15.95
N GLN A 395 12.62 -17.30 -16.24
CA GLN A 395 11.33 -17.72 -16.76
C GLN A 395 10.29 -17.71 -15.64
N VAL A 396 9.03 -17.59 -16.05
CA VAL A 396 7.92 -17.51 -15.11
CA VAL A 396 7.94 -17.54 -15.10
C VAL A 396 6.89 -18.57 -15.48
N CYS A 397 6.27 -19.16 -14.47
CA CYS A 397 5.12 -20.02 -14.63
C CYS A 397 3.94 -19.32 -13.98
N LEU A 398 2.82 -19.29 -14.67
CA LEU A 398 1.61 -18.69 -14.13
C LEU A 398 0.80 -19.74 -13.41
N TYR A 399 0.39 -19.43 -12.18
CA TYR A 399 -0.50 -20.28 -11.41
C TYR A 399 -1.84 -19.55 -11.35
N ALA A 400 -2.82 -20.05 -12.10
CA ALA A 400 -4.10 -19.36 -12.24
C ALA A 400 -5.04 -19.82 -11.16
N PHE A 401 -5.72 -18.87 -10.52
CA PHE A 401 -6.66 -19.22 -9.47
C PHE A 401 -8.01 -18.51 -9.58
N ASP A 402 -8.20 -17.55 -10.47
CA ASP A 402 -9.54 -17.01 -10.60
C ASP A 402 -9.73 -16.47 -12.01
N LEU A 403 -11.00 -16.25 -12.30
CA LEU A 403 -11.46 -15.76 -13.59
C LEU A 403 -12.54 -14.74 -13.29
N ILE A 404 -12.31 -13.52 -13.72
CA ILE A 404 -13.12 -12.39 -13.32
C ILE A 404 -14.04 -11.93 -14.46
N TYR A 405 -13.76 -12.34 -15.69
CA TYR A 405 -14.47 -11.86 -16.85
C TYR A 405 -14.21 -12.87 -17.95
N LEU A 406 -15.24 -13.17 -18.74
CA LEU A 406 -15.13 -14.19 -19.78
C LEU A 406 -16.13 -13.88 -20.90
N ASN A 407 -15.61 -13.70 -22.11
CA ASN A 407 -16.42 -13.58 -23.31
C ASN A 407 -17.51 -12.54 -23.12
N GLY A 408 -17.14 -11.40 -22.57
CA GLY A 408 -18.05 -10.30 -22.34
C GLY A 408 -18.86 -10.38 -21.06
N GLU A 409 -18.73 -11.45 -20.27
CA GLU A 409 -19.50 -11.60 -19.04
C GLU A 409 -18.63 -11.22 -17.85
N SER A 410 -19.05 -10.21 -17.09
CA SER A 410 -18.43 -9.97 -15.80
C SER A 410 -18.86 -11.06 -14.84
N LEU A 411 -17.88 -11.64 -14.14
CA LEU A 411 -18.16 -12.70 -13.16
C LEU A 411 -18.06 -12.19 -11.74
N VAL A 412 -18.02 -10.86 -11.57
CA VAL A 412 -17.81 -10.25 -10.26
C VAL A 412 -18.84 -10.74 -9.24
N ARG A 413 -20.06 -10.95 -9.69
CA ARG A 413 -21.15 -11.31 -8.79
C ARG A 413 -21.44 -12.80 -8.80
N GLU A 414 -20.61 -13.58 -9.44
CA GLU A 414 -20.79 -15.01 -9.52
C GLU A 414 -20.01 -15.72 -8.43
N PRO A 415 -20.51 -16.86 -7.96
CA PRO A 415 -19.79 -17.61 -6.93
C PRO A 415 -18.53 -18.24 -7.47
N LEU A 416 -17.53 -18.38 -6.59
CA LEU A 416 -16.26 -18.97 -6.99
C LEU A 416 -16.47 -20.34 -7.63
N SER A 417 -17.43 -21.12 -7.13
CA SER A 417 -17.68 -22.44 -7.72
C SER A 417 -17.85 -22.33 -9.23
N ARG A 418 -18.63 -21.34 -9.68
CA ARG A 418 -18.82 -21.18 -11.12
C ARG A 418 -17.61 -20.52 -11.77
N ARG A 419 -17.02 -19.51 -11.14
CA ARG A 419 -15.86 -18.87 -11.74
C ARG A 419 -14.74 -19.90 -11.95
N ARG A 420 -14.55 -20.78 -10.97
CA ARG A 420 -13.49 -21.78 -11.04
C ARG A 420 -13.79 -22.82 -12.11
N GLN A 421 -15.05 -23.19 -12.26
CA GLN A 421 -15.41 -24.14 -13.31
C GLN A 421 -15.18 -23.55 -14.69
N LEU A 422 -15.53 -22.29 -14.90
CA LEU A 422 -15.24 -21.64 -16.17
C LEU A 422 -13.74 -21.53 -16.41
N LEU A 423 -12.97 -21.27 -15.36
CA LEU A 423 -11.52 -21.24 -15.51
C LEU A 423 -10.99 -22.59 -15.97
N ARG A 424 -11.41 -23.66 -15.27
CA ARG A 424 -10.84 -24.98 -15.53
C ARG A 424 -11.24 -25.54 -16.88
N GLU A 425 -12.39 -25.14 -17.41
CA GLU A 425 -12.86 -25.72 -18.66
C GLU A 425 -12.40 -24.95 -19.89
N ASN A 426 -12.12 -23.64 -19.77
CA ASN A 426 -11.85 -22.82 -20.93
C ASN A 426 -10.37 -22.49 -21.11
N PHE A 427 -9.51 -22.89 -20.19
CA PHE A 427 -8.09 -22.64 -20.30
C PHE A 427 -7.33 -23.96 -20.23
N VAL A 428 -6.11 -23.95 -20.76
CA VAL A 428 -5.33 -25.16 -20.99
C VAL A 428 -4.06 -25.10 -20.17
N GLU A 429 -3.80 -26.15 -19.39
CA GLU A 429 -2.59 -26.19 -18.59
C GLU A 429 -1.40 -26.66 -19.42
N THR A 430 -0.24 -26.04 -19.17
CA THR A 430 1.03 -26.51 -19.68
C THR A 430 2.04 -26.44 -18.55
N GLU A 431 2.58 -27.59 -18.15
CA GLU A 431 3.48 -27.64 -17.00
C GLU A 431 4.61 -26.64 -17.19
N GLY A 432 4.86 -25.87 -16.13
CA GLY A 432 5.93 -24.89 -16.15
C GLY A 432 5.65 -23.62 -16.91
N GLU A 433 4.42 -23.44 -17.42
CA GLU A 433 4.05 -22.22 -18.14
C GLU A 433 2.72 -21.66 -17.66
N PHE A 434 1.70 -22.50 -17.59
CA PHE A 434 0.40 -22.09 -17.09
C PHE A 434 -0.30 -23.28 -16.46
N VAL A 435 -0.57 -23.20 -15.16
CA VAL A 435 -1.17 -24.30 -14.39
CA VAL A 435 -1.25 -24.30 -14.47
C VAL A 435 -2.22 -23.72 -13.47
N PHE A 436 -3.24 -24.52 -13.16
CA PHE A 436 -4.20 -24.13 -12.14
C PHE A 436 -3.57 -24.35 -10.77
N ALA A 437 -3.88 -23.44 -9.85
CA ALA A 437 -3.40 -23.58 -8.48
C ALA A 437 -3.80 -24.93 -7.92
N THR A 438 -2.83 -25.64 -7.35
CA THR A 438 -3.12 -26.87 -6.62
C THR A 438 -4.14 -26.62 -5.52
N SER A 439 -5.17 -27.47 -5.45
CA SER A 439 -6.30 -27.17 -4.58
C SER A 439 -6.84 -28.43 -3.91
N LEU A 440 -7.62 -28.21 -2.86
CA LEU A 440 -8.28 -29.28 -2.12
C LEU A 440 -9.62 -28.79 -1.64
N ASP A 441 -10.68 -29.51 -1.98
CA ASP A 441 -12.02 -29.23 -1.49
C ASP A 441 -12.29 -30.21 -0.35
N THR A 442 -12.37 -29.70 0.88
CA THR A 442 -12.57 -30.56 2.04
C THR A 442 -12.96 -29.70 3.23
N LYS A 443 -13.53 -30.36 4.25
CA LYS A 443 -13.72 -29.76 5.56
C LYS A 443 -13.01 -30.54 6.65
N ASP A 444 -12.25 -31.57 6.30
CA ASP A 444 -11.55 -32.40 7.29
C ASP A 444 -10.33 -31.65 7.81
N ILE A 445 -10.29 -31.42 9.13
CA ILE A 445 -9.19 -30.69 9.74
C ILE A 445 -7.85 -31.37 9.45
N GLU A 446 -7.83 -32.69 9.43
CA GLU A 446 -6.57 -33.41 9.29
C GLU A 446 -6.05 -33.37 7.85
N GLN A 447 -6.95 -33.40 6.88
CA GLN A 447 -6.54 -33.22 5.49
C GLN A 447 -6.02 -31.81 5.26
N ILE A 448 -6.67 -30.82 5.87
CA ILE A 448 -6.21 -29.43 5.72
C ILE A 448 -4.82 -29.28 6.32
N ALA A 449 -4.61 -29.83 7.52
CA ALA A 449 -3.29 -29.75 8.15
C ALA A 449 -2.23 -30.39 7.26
N GLU A 450 -2.52 -31.56 6.69
CA GLU A 450 -1.53 -32.20 5.82
C GLU A 450 -1.33 -31.40 4.54
N PHE A 451 -2.40 -30.84 3.99
CA PHE A 451 -2.28 -30.01 2.79
C PHE A 451 -1.40 -28.78 3.07
N LEU A 452 -1.58 -28.16 4.23
CA LEU A 452 -0.73 -27.03 4.61
C LEU A 452 0.73 -27.45 4.68
N GLU A 453 0.99 -28.63 5.26
CA GLU A 453 2.37 -29.12 5.30
C GLU A 453 2.90 -29.35 3.89
N GLN A 454 2.06 -29.94 3.03
CA GLN A 454 2.50 -30.23 1.67
C GLN A 454 2.76 -28.95 0.88
N SER A 455 1.95 -27.91 1.06
CA SER A 455 2.18 -26.67 0.32
C SER A 455 3.57 -26.11 0.63
N VAL A 456 4.01 -26.23 1.88
CA VAL A 456 5.31 -25.69 2.23
C VAL A 456 6.42 -26.55 1.63
N LYS A 457 6.25 -27.88 1.66
CA LYS A 457 7.21 -28.76 0.98
C LYS A 457 7.27 -28.46 -0.51
N ASP A 458 6.17 -28.00 -1.09
CA ASP A 458 6.09 -27.69 -2.51
C ASP A 458 6.39 -26.22 -2.81
N SER A 459 7.17 -25.56 -1.95
CA SER A 459 7.73 -24.23 -2.21
C SER A 459 6.69 -23.11 -2.15
N CYS A 460 5.63 -23.28 -1.37
CA CYS A 460 4.61 -22.25 -1.22
C CYS A 460 4.61 -21.70 0.20
N GLU A 461 3.90 -20.59 0.38
CA GLU A 461 3.86 -19.90 1.67
C GLU A 461 2.90 -20.54 2.65
N GLY A 462 1.99 -21.37 2.16
CA GLY A 462 0.90 -21.88 2.96
C GLY A 462 -0.32 -21.99 2.08
N LEU A 463 -1.50 -21.74 2.64
CA LEU A 463 -2.75 -21.97 1.96
C LEU A 463 -3.57 -20.70 1.84
N MET A 464 -4.30 -20.60 0.74
CA MET A 464 -5.45 -19.70 0.63
C MET A 464 -6.72 -20.51 0.82
N VAL A 465 -7.70 -19.92 1.50
CA VAL A 465 -8.97 -20.59 1.75
C VAL A 465 -10.11 -19.69 1.28
N LYS A 466 -11.03 -20.26 0.52
CA LYS A 466 -12.04 -19.49 -0.19
C LYS A 466 -13.36 -20.26 -0.21
N THR A 467 -14.43 -19.60 0.20
CA THR A 467 -15.73 -20.23 0.09
C THR A 467 -16.09 -20.43 -1.37
N LEU A 468 -16.88 -21.46 -1.64
CA LEU A 468 -17.27 -21.79 -3.00
C LEU A 468 -18.62 -21.21 -3.39
N ASP A 469 -19.57 -21.11 -2.46
CA ASP A 469 -20.92 -20.67 -2.81
C ASP A 469 -21.51 -19.63 -1.86
N VAL A 470 -21.12 -19.65 -0.58
CA VAL A 470 -21.65 -18.70 0.39
C VAL A 470 -20.72 -17.50 0.46
N ASP A 471 -21.23 -16.30 0.18
CA ASP A 471 -20.43 -15.08 0.14
C ASP A 471 -19.13 -15.32 -0.61
N ALA A 472 -19.28 -15.87 -1.81
CA ALA A 472 -18.16 -16.39 -2.58
C ALA A 472 -17.91 -15.62 -3.87
N THR A 473 -18.36 -14.36 -3.94
CA THR A 473 -18.26 -13.57 -5.16
C THR A 473 -16.90 -12.86 -5.22
N TYR A 474 -16.73 -12.04 -6.25
CA TYR A 474 -15.55 -11.21 -6.43
C TYR A 474 -15.93 -9.74 -6.32
N GLU A 475 -16.78 -9.41 -5.35
CA GLU A 475 -17.27 -8.06 -5.12
C GLU A 475 -16.39 -7.43 -4.04
N ILE A 476 -15.34 -6.74 -4.47
CA ILE A 476 -14.39 -6.17 -3.52
C ILE A 476 -15.08 -5.12 -2.66
N ALA A 477 -16.09 -4.42 -3.19
CA ALA A 477 -16.74 -3.38 -2.41
C ALA A 477 -17.52 -3.97 -1.25
N LYS A 478 -17.98 -5.21 -1.37
CA LYS A 478 -18.69 -5.86 -0.27
C LYS A 478 -17.72 -6.33 0.79
N ARG A 479 -16.61 -6.92 0.37
CA ARG A 479 -15.55 -7.33 1.30
C ARG A 479 -14.27 -7.45 0.50
N SER A 480 -13.29 -6.62 0.82
CA SER A 480 -12.05 -6.65 0.06
C SER A 480 -11.14 -7.81 0.46
N HIS A 481 -11.27 -8.32 1.68
CA HIS A 481 -10.48 -9.45 2.16
C HIS A 481 -11.39 -10.66 2.35
N ASN A 482 -11.95 -11.14 1.24
CA ASN A 482 -12.94 -12.21 1.30
C ASN A 482 -12.28 -13.58 1.43
N TRP A 483 -11.01 -13.68 1.08
CA TRP A 483 -10.25 -14.91 1.17
C TRP A 483 -9.45 -14.93 2.47
N LEU A 484 -9.12 -16.13 2.94
CA LEU A 484 -8.26 -16.30 4.10
C LEU A 484 -6.90 -16.80 3.67
N LYS A 485 -5.85 -16.33 4.34
CA LYS A 485 -4.51 -16.84 4.15
C LYS A 485 -4.03 -17.50 5.44
N LEU A 486 -3.58 -18.75 5.32
CA LEU A 486 -3.10 -19.55 6.44
C LEU A 486 -1.66 -19.92 6.16
N LYS A 487 -0.74 -19.36 6.94
CA LYS A 487 0.68 -19.63 6.83
C LYS A 487 1.20 -20.30 8.09
N LYS A 488 2.18 -21.20 7.92
CA LYS A 488 2.75 -21.88 9.08
C LYS A 488 3.29 -20.87 10.08
N ASP A 489 3.93 -19.80 9.62
CA ASP A 489 4.51 -18.87 10.59
C ASP A 489 3.46 -18.11 11.37
N TYR A 490 2.16 -18.24 11.04
CA TYR A 490 1.12 -17.65 11.88
C TYR A 490 0.89 -18.47 13.15
N LEU A 491 1.19 -19.77 13.10
CA LEU A 491 0.84 -20.66 14.20
C LEU A 491 1.80 -20.46 15.38
N ASP A 492 1.24 -20.23 16.56
CA ASP A 492 2.06 -20.08 17.75
C ASP A 492 2.97 -21.30 17.92
N GLY A 493 4.26 -21.06 18.17
CA GLY A 493 5.22 -22.11 18.36
C GLY A 493 5.69 -22.81 17.10
N VAL A 494 5.22 -22.38 15.93
CA VAL A 494 5.62 -22.97 14.65
C VAL A 494 6.29 -21.89 13.80
N GLY A 495 7.33 -22.28 13.08
CA GLY A 495 8.03 -21.37 12.19
C GLY A 495 9.37 -20.94 12.76
N ASP A 496 10.08 -20.18 11.93
CA ASP A 496 11.44 -19.76 12.26
C ASP A 496 11.37 -18.63 13.29
N THR A 497 11.83 -18.92 14.51
CA THR A 497 11.91 -17.96 15.60
C THR A 497 13.36 -17.81 16.03
N LEU A 498 13.81 -16.57 16.22
CA LEU A 498 15.18 -16.26 16.58
C LEU A 498 15.20 -15.38 17.81
N ASP A 499 16.27 -15.53 18.60
CA ASP A 499 16.55 -14.65 19.73
C ASP A 499 17.67 -13.72 19.29
N LEU A 500 17.37 -12.43 19.15
CA LEU A 500 18.31 -11.49 18.58
C LEU A 500 18.59 -10.35 19.54
N VAL A 501 19.79 -9.79 19.41
CA VAL A 501 20.30 -8.75 20.29
C VAL A 501 19.94 -7.38 19.73
N VAL A 502 19.41 -6.50 20.56
CA VAL A 502 19.09 -5.14 20.15
C VAL A 502 20.37 -4.32 20.22
N ILE A 503 20.80 -3.78 19.08
CA ILE A 503 22.04 -3.02 19.01
C ILE A 503 21.83 -1.56 18.60
N GLY A 504 20.62 -1.16 18.28
CA GLY A 504 20.38 0.21 17.88
C GLY A 504 18.90 0.50 17.85
N ALA A 505 18.58 1.79 17.83
CA ALA A 505 17.20 2.25 17.78
C ALA A 505 17.09 3.40 16.80
N TYR A 506 15.90 3.52 16.20
CA TYR A 506 15.61 4.56 15.21
C TYR A 506 14.47 5.41 15.71
N LEU A 507 14.62 6.73 15.59
CA LEU A 507 13.59 7.65 16.03
C LEU A 507 12.32 7.42 15.21
N GLY A 508 11.18 7.42 15.89
CA GLY A 508 9.94 7.13 15.23
C GLY A 508 9.42 8.31 14.42
N ARG A 509 8.61 7.96 13.42
CA ARG A 509 7.92 8.93 12.58
C ARG A 509 6.42 8.78 12.74
N GLY A 510 5.69 9.87 12.53
CA GLY A 510 4.24 9.78 12.45
C GLY A 510 3.65 9.34 13.78
N LYS A 511 2.91 8.21 13.75
CA LYS A 511 2.34 7.66 14.97
C LYS A 511 3.41 7.29 16.00
N ARG A 512 4.66 7.12 15.59
CA ARG A 512 5.75 6.82 16.51
C ARG A 512 6.61 8.03 16.85
N ALA A 513 6.20 9.23 16.44
CA ALA A 513 6.99 10.41 16.77
C ALA A 513 7.13 10.56 18.28
N GLY A 514 8.33 10.93 18.72
CA GLY A 514 8.59 11.13 20.11
C GLY A 514 9.10 9.91 20.84
N ARG A 515 9.12 8.75 20.20
CA ARG A 515 9.75 7.56 20.76
C ARG A 515 10.51 6.85 19.65
N TYR A 516 10.89 5.60 19.91
CA TYR A 516 11.54 4.78 18.90
C TYR A 516 10.49 4.11 18.03
N GLY A 517 10.67 4.19 16.71
CA GLY A 517 9.80 3.50 15.79
C GLY A 517 10.36 2.16 15.35
N GLY A 518 11.68 2.00 15.45
CA GLY A 518 12.33 0.81 14.96
C GLY A 518 13.62 0.51 15.70
N PHE A 519 14.11 -0.71 15.52
CA PHE A 519 15.29 -1.18 16.21
C PHE A 519 16.15 -1.96 15.25
N LEU A 520 17.45 -1.98 15.51
CA LEU A 520 18.40 -2.77 14.76
C LEU A 520 18.79 -3.97 15.60
N LEU A 521 18.69 -5.15 15.01
CA LEU A 521 18.93 -6.42 15.69
C LEU A 521 20.15 -7.10 15.13
N ALA A 522 20.74 -7.98 15.94
CA ALA A 522 21.98 -8.67 15.60
C ALA A 522 21.97 -10.10 16.11
N SER A 523 22.62 -10.98 15.35
CA SER A 523 22.92 -12.33 15.80
C SER A 523 24.39 -12.39 16.21
N TYR A 524 24.73 -13.43 16.96
CA TYR A 524 26.06 -13.54 17.56
C TYR A 524 26.94 -14.46 16.70
N ASP A 525 28.03 -13.90 16.17
CA ASP A 525 28.97 -14.68 15.37
C ASP A 525 30.03 -15.26 16.30
N GLU A 526 29.89 -16.55 16.59
CA GLU A 526 30.81 -17.22 17.52
C GLU A 526 32.25 -17.13 17.04
N ASP A 527 32.48 -17.35 15.73
CA ASP A 527 33.85 -17.42 15.23
C ASP A 527 34.62 -16.14 15.48
N SER A 528 33.97 -14.98 15.31
CA SER A 528 34.61 -13.69 15.52
C SER A 528 34.18 -13.03 16.82
N GLU A 529 33.32 -13.66 17.61
CA GLU A 529 32.80 -13.05 18.83
C GLU A 529 32.28 -11.64 18.58
N GLU A 530 31.73 -11.41 17.39
CA GLU A 530 31.12 -10.15 17.01
C GLU A 530 29.61 -10.32 16.93
N LEU A 531 28.88 -9.24 17.22
CA LEU A 531 27.46 -9.17 16.94
C LEU A 531 27.27 -8.57 15.56
N GLN A 532 26.50 -9.27 14.72
CA GLN A 532 26.34 -8.89 13.32
C GLN A 532 24.90 -8.49 13.10
N ALA A 533 24.70 -7.28 12.58
CA ALA A 533 23.36 -6.84 12.24
C ALA A 533 22.70 -7.82 11.28
N ILE A 534 21.42 -8.12 11.52
CA ILE A 534 20.71 -9.10 10.73
C ILE A 534 19.44 -8.50 10.13
N CYS A 535 18.80 -7.57 10.84
CA CYS A 535 17.59 -6.94 10.31
C CYS A 535 17.19 -5.81 11.25
N LYS A 536 16.27 -4.98 10.76
CA LYS A 536 15.57 -4.02 11.58
C LYS A 536 14.21 -4.57 11.98
N LEU A 537 13.59 -3.94 12.96
CA LEU A 537 12.39 -4.49 13.57
C LEU A 537 11.48 -3.34 13.95
N GLY A 538 10.23 -3.38 13.49
CA GLY A 538 9.35 -2.25 13.66
C GLY A 538 7.88 -2.61 13.82
N THR A 539 7.58 -3.88 14.07
CA THR A 539 6.20 -4.28 14.29
C THR A 539 6.17 -5.51 15.21
N GLY A 540 5.03 -5.73 15.84
CA GLY A 540 4.85 -6.83 16.77
C GLY A 540 4.68 -6.41 18.20
N PHE A 541 5.10 -5.20 18.56
CA PHE A 541 4.92 -4.71 19.92
C PHE A 541 3.67 -3.86 20.00
N SER A 542 2.97 -3.98 21.12
CA SER A 542 1.87 -3.08 21.42
C SER A 542 2.43 -1.68 21.71
N ASP A 543 1.53 -0.70 21.76
CA ASP A 543 1.98 0.64 22.14
C ASP A 543 2.58 0.62 23.55
N GLU A 544 1.97 -0.16 24.45
CA GLU A 544 2.49 -0.25 25.82
C GLU A 544 3.88 -0.89 25.84
N GLU A 545 4.06 -1.97 25.07
CA GLU A 545 5.37 -2.62 25.01
C GLU A 545 6.42 -1.70 24.41
N LEU A 546 6.04 -0.86 23.46
CA LEU A 546 6.99 0.06 22.85
C LEU A 546 7.45 1.11 23.85
N GLU A 547 6.53 1.63 24.67
CA GLU A 547 6.93 2.54 25.73
C GLU A 547 7.84 1.83 26.73
N GLU A 548 7.58 0.55 27.01
CA GLU A 548 8.45 -0.19 27.91
C GLU A 548 9.83 -0.38 27.31
N HIS A 549 9.91 -0.61 25.99
CA HIS A 549 11.23 -0.69 25.35
C HIS A 549 11.96 0.64 25.48
N HIS A 550 11.25 1.75 25.24
CA HIS A 550 11.89 3.04 25.36
C HIS A 550 12.47 3.23 26.76
N GLN A 551 11.80 2.70 27.78
CA GLN A 551 12.28 2.85 29.15
C GLN A 551 13.47 1.94 29.43
N SER A 552 13.38 0.67 29.03
CA SER A 552 14.45 -0.26 29.35
C SER A 552 15.71 -0.03 28.53
N LEU A 553 15.61 0.63 27.37
CA LEU A 553 16.77 0.87 26.53
C LEU A 553 17.44 2.22 26.75
N LYS A 554 16.76 3.18 27.40
CA LYS A 554 17.31 4.53 27.54
C LYS A 554 18.66 4.51 28.24
N ALA A 555 18.81 3.65 29.26
CA ALA A 555 20.08 3.57 29.96
C ALA A 555 21.18 2.91 29.13
N LEU A 556 20.82 2.25 28.03
CA LEU A 556 21.78 1.56 27.20
C LEU A 556 22.31 2.42 26.06
N VAL A 557 21.81 3.64 25.91
CA VAL A 557 22.27 4.49 24.82
C VAL A 557 23.76 4.73 24.94
N LEU A 558 24.47 4.52 23.84
CA LEU A 558 25.89 4.83 23.74
C LEU A 558 26.10 5.99 22.78
N PRO A 559 27.16 6.78 22.95
CA PRO A 559 27.49 7.81 21.95
C PRO A 559 28.13 7.21 20.70
N SER A 560 28.90 6.14 20.89
CA SER A 560 29.65 5.50 19.82
C SER A 560 29.42 4.00 19.86
N PRO A 561 29.46 3.31 18.72
CA PRO A 561 29.23 1.86 18.73
C PRO A 561 30.35 1.10 19.42
N ARG A 562 30.00 -0.08 19.93
CA ARG A 562 31.00 -0.99 20.46
C ARG A 562 31.87 -1.54 19.33
N PRO A 563 33.15 -1.79 19.58
CA PRO A 563 34.03 -2.23 18.48
C PRO A 563 33.71 -3.61 17.96
N TYR A 564 32.93 -4.41 18.68
CA TYR A 564 32.60 -5.77 18.26
C TYR A 564 31.21 -5.87 17.63
N VAL A 565 30.57 -4.74 17.36
CA VAL A 565 29.28 -4.72 16.67
C VAL A 565 29.53 -4.31 15.23
N ARG A 566 29.17 -5.18 14.29
CA ARG A 566 29.34 -4.94 12.87
CA ARG A 566 29.34 -4.94 12.87
C ARG A 566 27.97 -4.80 12.23
N ILE A 567 27.76 -3.69 11.51
CA ILE A 567 26.50 -3.46 10.81
C ILE A 567 26.69 -3.26 9.32
N ASP A 568 27.93 -3.13 8.84
CA ASP A 568 28.23 -2.94 7.42
C ASP A 568 27.24 -1.99 6.75
N GLY A 569 26.42 -2.47 5.81
CA GLY A 569 25.54 -1.60 5.05
C GLY A 569 24.21 -1.24 5.68
N ALA A 570 23.97 -1.61 6.94
CA ALA A 570 22.69 -1.28 7.54
C ALA A 570 22.60 0.21 7.82
N VAL A 571 21.36 0.69 7.91
CA VAL A 571 21.12 2.08 8.29
C VAL A 571 21.71 2.30 9.68
N ILE A 572 22.61 3.28 9.79
CA ILE A 572 23.20 3.57 11.10
C ILE A 572 22.10 3.95 12.08
N PRO A 573 22.07 3.38 13.29
CA PRO A 573 21.02 3.75 14.25
C PRO A 573 21.13 5.20 14.68
N ASP A 574 19.97 5.79 14.97
CA ASP A 574 19.95 7.11 15.59
C ASP A 574 20.53 7.07 16.99
N HIS A 575 20.27 5.98 17.73
CA HIS A 575 20.88 5.75 19.03
C HIS A 575 21.50 4.36 19.03
N TRP A 576 22.82 4.32 19.18
CA TRP A 576 23.51 3.06 19.47
C TRP A 576 23.15 2.57 20.86
N LEU A 577 23.04 1.26 21.02
CA LEU A 577 22.63 0.65 22.28
C LEU A 577 23.66 -0.36 22.74
N ASP A 578 24.04 -0.29 24.00
CA ASP A 578 24.91 -1.29 24.58
C ASP A 578 24.25 -2.66 24.41
N PRO A 579 24.88 -3.61 23.74
CA PRO A 579 24.21 -4.90 23.49
C PRO A 579 23.88 -5.60 24.81
N SER A 580 22.58 -5.84 25.03
CA SER A 580 22.13 -6.39 26.30
C SER A 580 20.75 -7.04 26.17
N ALA A 581 19.80 -6.30 25.62
CA ALA A 581 18.45 -6.83 25.43
C ALA A 581 18.43 -7.89 24.33
N VAL A 582 17.73 -8.99 24.60
CA VAL A 582 17.53 -10.08 23.65
C VAL A 582 16.03 -10.25 23.45
N TRP A 583 15.58 -10.16 22.20
CA TRP A 583 14.17 -10.25 21.86
C TRP A 583 13.91 -11.47 20.99
N GLU A 584 12.77 -12.12 21.22
CA GLU A 584 12.33 -13.18 20.35
C GLU A 584 11.63 -12.60 19.14
N VAL A 585 12.09 -12.99 17.96
CA VAL A 585 11.61 -12.46 16.70
C VAL A 585 11.19 -13.62 15.82
N LYS A 586 10.10 -13.44 15.10
CA LYS A 586 9.62 -14.42 14.15
C LYS A 586 9.71 -13.84 12.75
N CYS A 587 9.91 -14.72 11.76
CA CYS A 587 9.95 -14.28 10.37
C CYS A 587 9.22 -15.30 9.52
N ALA A 588 8.96 -14.92 8.27
CA ALA A 588 8.38 -15.86 7.32
C ALA A 588 9.45 -16.72 6.63
N ASP A 589 10.61 -16.13 6.39
CA ASP A 589 11.68 -16.73 5.60
C ASP A 589 12.96 -16.00 5.98
N LEU A 590 14.08 -16.59 5.58
CA LEU A 590 15.37 -15.90 5.61
C LEU A 590 15.82 -15.67 4.18
N SER A 591 16.48 -14.54 3.96
CA SER A 591 16.89 -14.11 2.63
C SER A 591 18.37 -13.78 2.61
N LEU A 592 18.99 -13.93 1.43
CA LEU A 592 20.37 -13.51 1.25
C LEU A 592 20.42 -12.01 1.00
N SER A 593 21.13 -11.30 1.83
CA SER A 593 21.02 -9.86 1.94
C SER A 593 22.18 -9.15 1.24
N PRO A 594 21.91 -8.08 0.51
CA PRO A 594 23.01 -7.27 -0.02
C PRO A 594 23.69 -6.38 1.01
N ILE A 595 23.12 -6.20 2.20
CA ILE A 595 23.66 -5.23 3.15
C ILE A 595 23.99 -5.85 4.51
N TYR A 596 23.20 -6.82 4.98
CA TYR A 596 23.40 -7.23 6.37
C TYR A 596 24.56 -8.22 6.48
N PRO A 597 25.43 -8.06 7.48
CA PRO A 597 26.60 -8.94 7.62
C PRO A 597 26.35 -10.25 8.34
N ALA A 598 25.19 -10.46 8.95
CA ALA A 598 24.95 -11.68 9.71
C ALA A 598 25.21 -12.91 8.83
N ALA A 599 26.11 -13.77 9.32
CA ALA A 599 26.42 -15.05 8.71
C ALA A 599 27.02 -14.90 7.31
N ARG A 600 27.56 -13.72 6.99
CA ARG A 600 28.23 -13.56 5.71
C ARG A 600 29.41 -14.52 5.64
N GLY A 601 29.55 -15.16 4.48
CA GLY A 601 30.56 -16.16 4.27
C GLY A 601 30.16 -17.55 4.66
N LEU A 602 29.04 -17.72 5.37
CA LEU A 602 28.62 -19.07 5.76
C LEU A 602 27.72 -19.73 4.73
N VAL A 603 26.95 -18.96 3.97
CA VAL A 603 26.13 -19.50 2.89
C VAL A 603 26.57 -18.91 1.56
N ASP A 604 27.02 -17.65 1.59
CA ASP A 604 27.41 -16.96 0.39
C ASP A 604 28.66 -16.15 0.71
N SER A 605 29.57 -16.05 -0.27
CA SER A 605 30.83 -15.37 -0.02
C SER A 605 30.61 -13.88 0.24
N ASP A 606 29.66 -13.26 -0.47
CA ASP A 606 29.52 -11.81 -0.39
C ASP A 606 28.34 -11.37 0.47
N LYS A 607 27.34 -12.23 0.63
CA LYS A 607 26.07 -11.83 1.21
C LYS A 607 25.85 -12.50 2.56
N GLY A 608 25.44 -11.72 3.55
CA GLY A 608 24.91 -12.24 4.77
C GLY A 608 23.45 -12.58 4.59
N ILE A 609 22.78 -12.79 5.73
CA ILE A 609 21.40 -13.27 5.76
C ILE A 609 20.56 -12.29 6.54
N SER A 610 19.33 -12.03 6.06
CA SER A 610 18.37 -11.21 6.78
C SER A 610 17.05 -11.98 6.92
N LEU A 611 16.06 -11.31 7.51
CA LEU A 611 14.76 -11.90 7.81
CA LEU A 611 14.76 -11.89 7.83
C LEU A 611 13.67 -11.23 6.99
N ARG A 612 12.82 -12.07 6.38
CA ARG A 612 11.67 -11.60 5.62
C ARG A 612 10.46 -11.50 6.54
N PHE A 613 9.88 -10.29 6.63
CA PHE A 613 8.71 -10.02 7.45
C PHE A 613 9.00 -10.29 8.92
N PRO A 614 10.05 -9.71 9.49
CA PRO A 614 10.31 -9.91 10.92
C PRO A 614 9.30 -9.18 11.78
N ARG A 615 9.01 -9.77 12.93
CA ARG A 615 8.14 -9.13 13.91
C ARG A 615 8.55 -9.53 15.31
N PHE A 616 8.38 -8.59 16.22
CA PHE A 616 8.63 -8.81 17.64
C PHE A 616 7.60 -9.75 18.25
N ILE A 617 8.07 -10.77 18.99
CA ILE A 617 7.18 -11.65 19.72
C ILE A 617 7.19 -11.28 21.21
N ARG A 618 8.37 -11.30 21.83
CA ARG A 618 8.46 -11.00 23.25
C ARG A 618 9.92 -10.75 23.59
N VAL A 619 10.13 -10.14 24.76
CA VAL A 619 11.46 -10.01 25.33
C VAL A 619 11.87 -11.34 25.94
N ARG A 620 13.14 -11.72 25.77
CA ARG A 620 13.73 -12.86 26.46
C ARG A 620 14.53 -12.30 27.62
N GLU A 621 13.86 -12.09 28.76
CA GLU A 621 14.54 -11.61 29.95
C GLU A 621 15.55 -12.62 30.47
N ASP A 622 15.40 -13.89 30.10
CA ASP A 622 16.27 -14.96 30.56
C ASP A 622 17.42 -15.24 29.59
N LYS A 623 17.73 -14.32 28.68
CA LYS A 623 18.83 -14.52 27.76
C LYS A 623 19.72 -13.29 27.73
N GLN A 624 21.01 -13.53 27.78
CA GLN A 624 22.02 -12.51 27.53
C GLN A 624 22.54 -12.66 26.11
N PRO A 625 23.22 -11.62 25.58
CA PRO A 625 23.61 -11.66 24.16
C PRO A 625 24.38 -12.90 23.75
N GLU A 626 25.24 -13.43 24.63
CA GLU A 626 25.99 -14.62 24.27
C GLU A 626 25.12 -15.85 24.14
N GLN A 627 23.85 -15.79 24.53
CA GLN A 627 22.91 -16.88 24.31
C GLN A 627 21.90 -16.56 23.20
N ALA A 628 22.10 -15.46 22.48
CA ALA A 628 21.27 -15.17 21.33
C ALA A 628 21.53 -16.20 20.23
N THR A 629 20.60 -16.25 19.28
CA THR A 629 20.79 -17.07 18.09
C THR A 629 22.12 -16.71 17.42
N THR A 630 22.89 -17.74 17.09
CA THR A 630 24.20 -17.51 16.51
C THR A 630 24.12 -17.37 14.99
N SER A 631 25.15 -16.76 14.43
CA SER A 631 25.18 -16.61 12.99
C SER A 631 25.27 -17.96 12.30
N ALA A 632 25.88 -18.94 12.97
CA ALA A 632 25.88 -20.30 12.43
C ALA A 632 24.48 -20.89 12.44
N GLN A 633 23.73 -20.64 13.52
CA GLN A 633 22.35 -21.13 13.58
C GLN A 633 21.49 -20.44 12.51
N VAL A 634 21.76 -19.16 12.25
CA VAL A 634 21.04 -18.46 11.18
C VAL A 634 21.30 -19.14 9.84
N ALA A 635 22.57 -19.45 9.55
CA ALA A 635 22.91 -20.13 8.31
C ALA A 635 22.20 -21.46 8.20
N CYS A 636 22.14 -22.21 9.30
CA CYS A 636 21.46 -23.50 9.31
CA CYS A 636 21.46 -23.50 9.29
C CYS A 636 19.98 -23.34 8.99
N LEU A 637 19.34 -22.32 9.57
CA LEU A 637 17.95 -22.07 9.26
C LEU A 637 17.75 -21.78 7.78
N TYR A 638 18.64 -20.97 7.21
CA TYR A 638 18.51 -20.61 5.80
C TYR A 638 18.67 -21.83 4.89
N ARG A 639 19.70 -22.65 5.14
CA ARG A 639 19.90 -23.85 4.32
C ARG A 639 18.72 -24.78 4.37
N LYS A 640 18.04 -24.84 5.52
CA LYS A 640 16.92 -25.76 5.70
C LYS A 640 15.75 -25.39 4.80
N GLN A 641 15.64 -24.12 4.42
CA GLN A 641 14.58 -23.72 3.50
C GLN A 641 14.71 -24.44 2.16
N SER A 642 15.93 -24.77 1.75
CA SER A 642 16.20 -25.40 0.46
C SER A 642 15.71 -24.53 -0.69
#